data_1Q68
#
_entry.id   1Q68
#
loop_
_entity.id
_entity.type
_entity.pdbx_description
1 polymer 'T-cell surface glycoprotein CD4'
2 polymer 'Proto-oncogene tyrosine-protein kinase LCK'
3 non-polymer 'ZINC ION'
#
loop_
_entity_poly.entity_id
_entity_poly.type
_entity_poly.pdbx_seq_one_letter_code
_entity_poly.pdbx_strand_id
1 'polypeptide(L)' RCRHRRRQAERLSQIKRLLSEKKTCQCPHRFQKTCSPI A
2 'polypeptide(L)' SHPEDDWLENIDVCENCHYPIVPLDGKGT B
#
loop_
_chem_comp.id
_chem_comp.type
_chem_comp.name
_chem_comp.formula
ZN non-polymer 'ZINC ION' 'Zn 2'
#
# COMPACT_ATOMS: atom_id res chain seq x y z
N ARG A 1 26.62 3.01 -17.78
CA ARG A 1 26.18 4.05 -16.84
C ARG A 1 25.08 3.53 -15.91
N CYS A 2 25.47 3.18 -14.69
CA CYS A 2 24.52 2.67 -13.71
C CYS A 2 23.82 1.42 -14.24
N ARG A 3 24.57 0.33 -14.38
CA ARG A 3 24.01 -0.92 -14.88
C ARG A 3 23.26 -1.65 -13.78
N HIS A 4 23.83 -1.66 -12.57
CA HIS A 4 23.21 -2.32 -11.44
C HIS A 4 22.29 -1.37 -10.68
N ARG A 5 21.09 -1.17 -11.22
CA ARG A 5 20.11 -0.29 -10.59
C ARG A 5 18.70 -0.82 -10.77
N ARG A 6 18.10 -1.29 -9.68
CA ARG A 6 16.75 -1.83 -9.73
C ARG A 6 15.72 -0.72 -9.92
N ARG A 7 15.41 -0.43 -11.18
CA ARG A 7 14.45 0.62 -11.50
C ARG A 7 13.02 0.15 -11.23
N GLN A 8 12.55 -0.79 -12.04
CA GLN A 8 11.20 -1.32 -11.88
C GLN A 8 11.05 -2.02 -10.54
N ALA A 9 9.97 -1.71 -9.84
CA ALA A 9 9.69 -2.31 -8.53
C ALA A 9 9.59 -3.83 -8.64
N GLU A 10 10.17 -4.53 -7.66
CA GLU A 10 10.13 -5.99 -7.65
C GLU A 10 8.76 -6.50 -7.24
N ARG A 11 8.18 -5.87 -6.22
CA ARG A 11 6.86 -6.26 -5.73
C ARG A 11 5.75 -5.82 -6.67
N LEU A 12 6.12 -5.03 -7.65
CA LEU A 12 5.18 -4.51 -8.64
C LEU A 12 4.19 -5.58 -9.09
N SER A 13 4.70 -6.62 -9.73
CA SER A 13 3.86 -7.71 -10.21
C SER A 13 3.12 -8.38 -9.07
N GLN A 14 3.83 -8.70 -7.99
CA GLN A 14 3.21 -9.32 -6.83
C GLN A 14 2.06 -8.47 -6.33
N ILE A 15 2.36 -7.20 -6.09
CA ILE A 15 1.38 -6.23 -5.64
C ILE A 15 0.37 -5.93 -6.74
N LYS A 16 0.73 -6.28 -7.98
CA LYS A 16 -0.13 -6.06 -9.12
C LYS A 16 -1.40 -6.88 -9.02
N ARG A 17 -1.25 -8.19 -8.79
CA ARG A 17 -2.37 -9.08 -8.65
C ARG A 17 -3.08 -8.84 -7.33
N LEU A 18 -2.30 -8.53 -6.31
CA LEU A 18 -2.85 -8.26 -4.99
C LEU A 18 -3.83 -7.09 -5.04
N LEU A 19 -3.45 -6.04 -5.75
CA LEU A 19 -4.28 -4.86 -5.89
C LEU A 19 -5.56 -5.19 -6.65
N SER A 20 -5.41 -6.01 -7.68
CA SER A 20 -6.54 -6.42 -8.51
C SER A 20 -7.58 -7.12 -7.66
N GLU A 21 -7.11 -7.90 -6.69
CA GLU A 21 -7.99 -8.62 -5.80
C GLU A 21 -8.29 -7.79 -4.56
N LYS A 22 -7.84 -6.54 -4.58
CA LYS A 22 -8.05 -5.62 -3.46
C LYS A 22 -7.59 -6.25 -2.15
N LYS A 23 -6.47 -6.94 -2.21
CA LYS A 23 -5.91 -7.59 -1.02
C LYS A 23 -4.79 -6.74 -0.43
N THR A 24 -5.16 -5.56 0.05
CA THR A 24 -4.20 -4.64 0.66
C THR A 24 -4.41 -4.52 2.15
N CYS A 25 -3.47 -3.84 2.81
CA CYS A 25 -3.51 -3.64 4.26
C CYS A 25 -4.94 -3.53 4.76
N GLN A 26 -5.47 -4.66 5.20
CA GLN A 26 -6.83 -4.74 5.72
C GLN A 26 -6.84 -4.56 7.23
N CYS A 27 -5.79 -3.92 7.74
CA CYS A 27 -5.65 -3.67 9.16
C CYS A 27 -6.96 -3.18 9.78
N PRO A 28 -7.12 -3.35 11.11
CA PRO A 28 -8.33 -2.92 11.82
C PRO A 28 -8.63 -1.44 11.62
N HIS A 29 -9.53 -0.91 12.43
CA HIS A 29 -9.91 0.50 12.34
C HIS A 29 -9.94 1.14 13.73
N ARG A 30 -9.57 2.41 13.80
CA ARG A 30 -9.57 3.14 15.07
C ARG A 30 -10.75 4.11 15.13
N PHE A 31 -11.85 3.66 15.71
CA PHE A 31 -13.03 4.50 15.85
C PHE A 31 -13.45 5.09 14.50
N GLN A 32 -14.42 4.46 13.84
CA GLN A 32 -14.91 4.92 12.56
C GLN A 32 -15.88 6.08 12.73
N LYS A 33 -16.98 5.83 13.43
CA LYS A 33 -17.99 6.85 13.67
C LYS A 33 -18.56 7.37 12.35
N THR A 34 -19.30 6.51 11.65
CA THR A 34 -19.91 6.87 10.37
C THR A 34 -18.85 7.39 9.40
N CYS A 35 -19.29 7.74 8.19
CA CYS A 35 -18.40 8.26 7.17
C CYS A 35 -17.29 7.25 6.85
N SER A 36 -16.45 7.59 5.87
CA SER A 36 -15.35 6.72 5.47
C SER A 36 -15.88 5.37 5.00
N PRO A 37 -16.24 5.26 3.71
CA PRO A 37 -16.77 4.02 3.13
C PRO A 37 -15.68 2.96 2.99
N ILE A 38 -15.89 1.82 3.63
CA ILE A 38 -14.94 0.71 3.56
C ILE A 38 -15.65 -0.62 3.42
N SER B 1 -5.25 15.75 -14.05
CA SER B 1 -4.72 14.37 -14.16
C SER B 1 -3.31 14.27 -13.61
N HIS B 2 -2.93 13.08 -13.15
CA HIS B 2 -1.60 12.86 -12.59
C HIS B 2 -1.21 11.39 -12.70
N PRO B 3 0.08 11.11 -12.99
CA PRO B 3 0.58 9.73 -13.12
C PRO B 3 0.26 8.89 -11.88
N GLU B 4 -0.07 7.62 -12.11
CA GLU B 4 -0.39 6.70 -11.01
C GLU B 4 0.62 5.56 -10.95
N ASP B 5 1.82 5.80 -11.47
CA ASP B 5 2.87 4.79 -11.47
C ASP B 5 3.91 5.09 -10.40
N ASP B 6 4.10 6.37 -10.09
CA ASP B 6 5.07 6.78 -9.08
C ASP B 6 4.74 6.17 -7.72
N TRP B 7 3.55 6.50 -7.20
CA TRP B 7 3.11 6.00 -5.92
C TRP B 7 3.29 4.49 -5.81
N LEU B 8 3.00 3.78 -6.90
CA LEU B 8 3.12 2.33 -6.92
C LEU B 8 4.57 1.90 -6.73
N GLU B 9 5.48 2.57 -7.43
CA GLU B 9 6.90 2.26 -7.33
C GLU B 9 7.41 2.50 -5.91
N ASN B 10 6.93 3.56 -5.27
CA ASN B 10 7.32 3.89 -3.92
C ASN B 10 6.27 3.42 -2.91
N ILE B 11 5.57 2.35 -3.27
CA ILE B 11 4.54 1.80 -2.39
C ILE B 11 5.15 1.18 -1.14
N ASP B 12 4.39 1.19 -0.05
CA ASP B 12 4.86 0.64 1.21
C ASP B 12 4.02 -0.56 1.63
N VAL B 13 4.53 -1.33 2.57
CA VAL B 13 3.83 -2.52 3.06
C VAL B 13 3.76 -2.51 4.59
N CYS B 14 2.55 -2.74 5.10
CA CYS B 14 2.33 -2.76 6.55
C CYS B 14 3.18 -3.85 7.20
N GLU B 15 3.47 -3.68 8.49
CA GLU B 15 4.28 -4.64 9.23
C GLU B 15 3.42 -5.48 10.16
N ASN B 16 2.21 -5.80 9.73
CA ASN B 16 1.29 -6.60 10.53
C ASN B 16 0.64 -7.70 9.68
N CYS B 17 -0.01 -7.29 8.60
CA CYS B 17 -0.68 -8.22 7.71
C CYS B 17 0.22 -8.56 6.52
N HIS B 18 1.40 -7.96 6.47
CA HIS B 18 2.36 -8.22 5.39
C HIS B 18 1.81 -7.77 4.04
N TYR B 19 0.75 -6.96 4.06
CA TYR B 19 0.14 -6.48 2.84
C TYR B 19 0.62 -5.07 2.51
N PRO B 20 0.35 -4.61 1.29
CA PRO B 20 0.75 -3.28 0.84
C PRO B 20 -0.23 -2.21 1.29
N ILE B 21 0.18 -1.42 2.27
CA ILE B 21 -0.65 -0.35 2.80
C ILE B 21 -0.89 0.75 1.77
N VAL B 22 -1.99 1.48 1.94
CA VAL B 22 -2.33 2.56 1.03
C VAL B 22 -2.40 3.90 1.77
N PRO B 23 -1.46 4.82 1.48
CA PRO B 23 -1.43 6.14 2.13
C PRO B 23 -2.61 7.01 1.71
N LEU B 24 -3.14 7.78 2.66
CA LEU B 24 -4.27 8.66 2.39
C LEU B 24 -4.04 9.52 1.15
N ASP B 25 -5.06 9.62 0.31
CA ASP B 25 -4.97 10.41 -0.91
C ASP B 25 -5.92 11.60 -0.87
N GLY B 26 -7.18 11.33 -0.54
CA GLY B 26 -8.17 12.38 -0.47
C GLY B 26 -9.54 11.95 -0.96
N LYS B 27 -9.68 11.81 -2.28
CA LYS B 27 -10.94 11.40 -2.87
C LYS B 27 -10.73 10.84 -4.28
N GLY B 28 -11.82 10.50 -4.94
CA GLY B 28 -11.74 9.96 -6.28
C GLY B 28 -13.05 10.05 -7.04
N THR B 29 -13.74 11.18 -6.87
CA THR B 29 -15.02 11.39 -7.55
C THR B 29 -14.94 12.57 -8.51
ZN ZN C . -1.81 -3.63 8.13
N ARG A 1 28.11 3.21 -6.57
CA ARG A 1 26.69 3.44 -6.95
C ARG A 1 26.07 4.56 -6.12
N CYS A 2 24.78 4.80 -6.34
CA CYS A 2 24.07 5.86 -5.61
C CYS A 2 22.81 5.30 -4.96
N ARG A 3 22.28 6.05 -4.00
CA ARG A 3 21.06 5.64 -3.30
C ARG A 3 20.23 6.86 -2.89
N HIS A 4 19.86 7.67 -3.87
CA HIS A 4 19.07 8.87 -3.62
C HIS A 4 17.78 8.84 -4.43
N ARG A 5 17.91 8.90 -5.75
CA ARG A 5 16.75 8.89 -6.63
C ARG A 5 16.75 7.64 -7.50
N ARG A 6 17.22 6.53 -6.95
CA ARG A 6 17.28 5.27 -7.67
C ARG A 6 16.78 4.12 -6.81
N ARG A 7 15.60 3.61 -7.12
CA ARG A 7 15.02 2.50 -6.37
C ARG A 7 13.85 1.88 -7.13
N GLN A 8 13.97 0.59 -7.44
CA GLN A 8 12.93 -0.12 -8.17
C GLN A 8 12.29 -1.19 -7.28
N ALA A 9 11.02 -1.47 -7.52
CA ALA A 9 10.29 -2.47 -6.75
C ALA A 9 9.91 -3.67 -7.61
N GLU A 10 10.38 -4.84 -7.21
CA GLU A 10 10.08 -6.07 -7.94
C GLU A 10 8.71 -6.63 -7.56
N ARG A 11 8.14 -6.08 -6.49
CA ARG A 11 6.83 -6.53 -6.01
C ARG A 11 5.71 -6.04 -6.92
N LEU A 12 6.06 -5.20 -7.88
CA LEU A 12 5.10 -4.65 -8.83
C LEU A 12 4.10 -5.69 -9.31
N SER A 13 4.61 -6.72 -9.98
CA SER A 13 3.76 -7.79 -10.50
C SER A 13 3.02 -8.48 -9.37
N GLN A 14 3.73 -8.83 -8.31
CA GLN A 14 3.11 -9.48 -7.16
C GLN A 14 1.97 -8.63 -6.63
N ILE A 15 2.29 -7.36 -6.36
CA ILE A 15 1.32 -6.40 -5.89
C ILE A 15 0.28 -6.11 -6.97
N LYS A 16 0.66 -6.39 -8.22
CA LYS A 16 -0.22 -6.17 -9.36
C LYS A 16 -1.50 -7.00 -9.21
N ARG A 17 -1.32 -8.29 -8.92
CA ARG A 17 -2.44 -9.19 -8.74
C ARG A 17 -3.15 -8.88 -7.44
N LEU A 18 -2.37 -8.52 -6.43
CA LEU A 18 -2.89 -8.18 -5.12
C LEU A 18 -3.82 -6.97 -5.21
N LEU A 19 -3.38 -5.96 -5.94
CA LEU A 19 -4.15 -4.75 -6.12
C LEU A 19 -5.47 -5.03 -6.84
N SER A 20 -5.38 -5.89 -7.85
CA SER A 20 -6.55 -6.27 -8.64
C SER A 20 -7.61 -6.89 -7.74
N GLU A 21 -7.16 -7.66 -6.76
CA GLU A 21 -8.06 -8.31 -5.83
C GLU A 21 -8.24 -7.45 -4.59
N LYS A 22 -7.70 -6.23 -4.65
CA LYS A 22 -7.80 -5.29 -3.53
C LYS A 22 -7.38 -5.95 -2.21
N LYS A 23 -6.33 -6.75 -2.28
CA LYS A 23 -5.82 -7.44 -1.10
C LYS A 23 -4.67 -6.66 -0.46
N THR A 24 -4.99 -5.48 0.07
CA THR A 24 -3.99 -4.64 0.71
C THR A 24 -4.27 -4.48 2.19
N CYS A 25 -3.30 -3.91 2.91
CA CYS A 25 -3.39 -3.68 4.35
C CYS A 25 -4.84 -3.54 4.80
N GLN A 26 -5.41 -4.66 5.23
CA GLN A 26 -6.78 -4.69 5.70
C GLN A 26 -6.85 -4.52 7.22
N CYS A 27 -5.83 -3.88 7.76
CA CYS A 27 -5.74 -3.63 9.19
C CYS A 27 -7.08 -3.14 9.76
N PRO A 28 -7.34 -3.42 11.05
CA PRO A 28 -8.59 -3.00 11.71
C PRO A 28 -8.82 -1.50 11.62
N HIS A 29 -10.00 -1.07 12.03
CA HIS A 29 -10.36 0.35 12.02
C HIS A 29 -9.52 1.13 13.01
N ARG A 30 -9.32 2.41 12.74
CA ARG A 30 -8.54 3.28 13.62
C ARG A 30 -9.21 3.42 14.98
N PHE A 31 -8.55 2.90 16.01
CA PHE A 31 -9.09 2.98 17.37
C PHE A 31 -8.59 4.22 18.09
N GLN A 32 -9.33 4.65 19.11
CA GLN A 32 -8.95 5.83 19.88
C GLN A 32 -8.19 5.42 21.15
N LYS A 33 -8.50 4.25 21.67
CA LYS A 33 -7.85 3.75 22.87
C LYS A 33 -8.09 4.69 24.05
N THR A 34 -8.84 4.20 25.04
CA THR A 34 -9.16 5.00 26.23
C THR A 34 -7.90 5.63 26.82
N CYS A 35 -7.99 6.92 27.13
CA CYS A 35 -6.86 7.64 27.70
C CYS A 35 -6.58 7.17 29.13
N SER A 36 -5.41 6.55 29.31
CA SER A 36 -5.01 6.05 30.63
C SER A 36 -5.97 4.96 31.11
N PRO A 37 -5.44 3.86 31.66
CA PRO A 37 -6.26 2.74 32.16
C PRO A 37 -7.31 3.21 33.16
N ILE A 38 -8.29 2.35 33.43
CA ILE A 38 -9.36 2.67 34.36
C ILE A 38 -9.29 1.79 35.61
N SER B 1 -1.16 8.93 -19.77
CA SER B 1 -2.60 8.90 -19.43
C SER B 1 -2.81 8.62 -17.94
N HIS B 2 -2.70 9.65 -17.13
CA HIS B 2 -2.88 9.52 -15.68
C HIS B 2 -1.89 8.49 -15.11
N PRO B 3 -0.60 8.85 -15.03
CA PRO B 3 0.44 7.96 -14.50
C PRO B 3 0.12 7.49 -13.08
N GLU B 4 -0.14 6.20 -12.93
CA GLU B 4 -0.45 5.62 -11.63
C GLU B 4 0.69 4.73 -11.14
N ASP B 5 1.89 4.99 -11.65
CA ASP B 5 3.07 4.21 -11.26
C ASP B 5 3.82 4.89 -10.11
N ASP B 6 3.67 6.21 -10.01
CA ASP B 6 4.35 6.98 -8.96
C ASP B 6 4.14 6.34 -7.59
N TRP B 7 2.88 6.31 -7.14
CA TRP B 7 2.55 5.74 -5.85
C TRP B 7 3.04 4.31 -5.72
N LEU B 8 2.92 3.55 -6.80
CA LEU B 8 3.36 2.15 -6.82
C LEU B 8 4.87 2.06 -6.62
N GLU B 9 5.60 2.97 -7.25
CA GLU B 9 7.06 3.00 -7.14
C GLU B 9 7.49 3.19 -5.69
N ASN B 10 6.72 3.98 -4.95
CA ASN B 10 7.03 4.24 -3.55
C ASN B 10 6.04 3.54 -2.64
N ILE B 11 5.54 2.39 -3.08
CA ILE B 11 4.58 1.61 -2.31
C ILE B 11 5.22 1.08 -1.02
N ASP B 12 4.41 0.96 0.03
CA ASP B 12 4.89 0.46 1.31
C ASP B 12 4.07 -0.73 1.77
N VAL B 13 4.63 -1.51 2.69
CA VAL B 13 3.95 -2.69 3.22
C VAL B 13 3.81 -2.60 4.74
N CYS B 14 2.59 -2.73 5.24
CA CYS B 14 2.32 -2.68 6.66
C CYS B 14 3.15 -3.73 7.41
N GLU B 15 3.39 -3.48 8.69
CA GLU B 15 4.18 -4.39 9.50
C GLU B 15 3.29 -5.19 10.46
N ASN B 16 2.09 -5.54 9.99
CA ASN B 16 1.15 -6.31 10.78
C ASN B 16 0.55 -7.45 9.97
N CYS B 17 -0.02 -7.12 8.83
CA CYS B 17 -0.64 -8.09 7.96
C CYS B 17 0.30 -8.48 6.81
N HIS B 18 1.47 -7.86 6.76
CA HIS B 18 2.45 -8.15 5.72
C HIS B 18 1.92 -7.78 4.33
N TYR B 19 0.85 -6.99 4.29
CA TYR B 19 0.26 -6.57 3.05
C TYR B 19 0.78 -5.20 2.64
N PRO B 20 0.55 -4.81 1.38
CA PRO B 20 1.00 -3.51 0.87
C PRO B 20 0.02 -2.40 1.24
N ILE B 21 0.44 -1.56 2.19
CA ILE B 21 -0.39 -0.47 2.65
C ILE B 21 -0.58 0.58 1.56
N VAL B 22 -1.67 1.33 1.67
CA VAL B 22 -1.99 2.36 0.69
C VAL B 22 -1.79 3.76 1.29
N PRO B 23 -0.65 4.41 0.98
CA PRO B 23 -0.34 5.75 1.50
C PRO B 23 -1.49 6.73 1.28
N LEU B 24 -1.61 7.70 2.18
CA LEU B 24 -2.65 8.71 2.09
C LEU B 24 -2.74 9.32 0.70
N ASP B 25 -3.92 9.78 0.33
CA ASP B 25 -4.12 10.39 -0.98
C ASP B 25 -5.23 11.45 -0.93
N GLY B 26 -5.14 12.34 0.06
CA GLY B 26 -6.14 13.37 0.21
C GLY B 26 -5.99 14.14 1.50
N LYS B 27 -7.06 14.20 2.29
CA LYS B 27 -7.04 14.92 3.56
C LYS B 27 -7.97 14.27 4.57
N GLY B 28 -7.76 14.56 5.85
CA GLY B 28 -8.57 13.99 6.89
C GLY B 28 -9.38 15.04 7.64
N THR B 29 -8.75 15.68 8.61
CA THR B 29 -9.41 16.72 9.40
C THR B 29 -10.59 16.13 10.19
ZN ZN C . -1.88 -3.55 8.21
N ARG A 1 26.44 2.52 -0.76
CA ARG A 1 26.45 1.07 -0.42
C ARG A 1 25.54 0.78 0.77
N CYS A 2 24.25 0.72 0.51
CA CYS A 2 23.27 0.44 1.57
C CYS A 2 22.80 -1.01 1.52
N ARG A 3 22.12 -1.44 2.58
CA ARG A 3 21.62 -2.82 2.66
C ARG A 3 20.14 -2.86 2.31
N HIS A 4 19.33 -2.17 3.10
CA HIS A 4 17.89 -2.14 2.87
C HIS A 4 17.53 -1.18 1.74
N ARG A 5 17.80 -1.60 0.51
CA ARG A 5 17.51 -0.77 -0.66
C ARG A 5 16.01 -0.59 -0.83
N ARG A 6 15.61 0.07 -1.92
CA ARG A 6 14.22 0.31 -2.21
C ARG A 6 14.05 1.01 -3.57
N ARG A 7 14.18 0.24 -4.63
CA ARG A 7 14.05 0.78 -5.98
C ARG A 7 13.63 -0.31 -6.96
N GLN A 8 14.39 -1.39 -7.01
CA GLN A 8 14.09 -2.51 -7.90
C GLN A 8 13.22 -3.54 -7.20
N ALA A 9 12.06 -3.10 -6.73
CA ALA A 9 11.13 -3.98 -6.04
C ALA A 9 10.51 -4.99 -7.00
N GLU A 10 10.80 -6.26 -6.76
CA GLU A 10 10.28 -7.34 -7.61
C GLU A 10 8.84 -7.70 -7.22
N ARG A 11 8.37 -7.13 -6.11
CA ARG A 11 7.02 -7.40 -5.64
C ARG A 11 5.97 -6.70 -6.48
N LEU A 12 6.44 -5.86 -7.39
CA LEU A 12 5.55 -5.11 -8.28
C LEU A 12 4.45 -5.99 -8.86
N SER A 13 4.85 -7.01 -9.63
CA SER A 13 3.89 -7.91 -10.24
C SER A 13 3.03 -8.59 -9.18
N GLN A 14 3.67 -9.09 -8.12
CA GLN A 14 2.94 -9.74 -7.04
C GLN A 14 1.91 -8.78 -6.46
N ILE A 15 2.38 -7.58 -6.13
CA ILE A 15 1.53 -6.53 -5.60
C ILE A 15 0.57 -6.02 -6.67
N LYS A 16 0.88 -6.34 -7.93
CA LYS A 16 0.07 -5.92 -9.06
C LYS A 16 -1.29 -6.61 -9.03
N ARG A 17 -1.27 -7.94 -8.89
CA ARG A 17 -2.49 -8.70 -8.83
C ARG A 17 -3.21 -8.48 -7.51
N LEU A 18 -2.40 -8.33 -6.45
CA LEU A 18 -2.94 -8.09 -5.12
C LEU A 18 -3.81 -6.84 -5.10
N LEU A 19 -3.27 -5.75 -5.63
CA LEU A 19 -3.99 -4.49 -5.70
C LEU A 19 -5.26 -4.63 -6.51
N SER A 20 -5.14 -5.34 -7.62
CA SER A 20 -6.27 -5.58 -8.52
C SER A 20 -7.39 -6.31 -7.76
N GLU A 21 -7.00 -7.19 -6.85
CA GLU A 21 -7.96 -7.92 -6.05
C GLU A 21 -8.29 -7.17 -4.77
N LYS A 22 -7.77 -5.95 -4.68
CA LYS A 22 -8.00 -5.10 -3.51
C LYS A 22 -7.54 -5.79 -2.24
N LYS A 23 -6.39 -6.46 -2.32
CA LYS A 23 -5.83 -7.15 -1.17
C LYS A 23 -4.71 -6.35 -0.53
N THR A 24 -5.07 -5.20 0.03
CA THR A 24 -4.11 -4.32 0.69
C THR A 24 -4.33 -4.30 2.19
N CYS A 25 -3.39 -3.69 2.90
CA CYS A 25 -3.44 -3.60 4.36
C CYS A 25 -4.88 -3.52 4.86
N GLN A 26 -5.43 -4.68 5.19
CA GLN A 26 -6.79 -4.78 5.69
C GLN A 26 -6.78 -4.81 7.21
N CYS A 27 -5.76 -4.21 7.80
CA CYS A 27 -5.60 -4.15 9.24
C CYS A 27 -6.93 -3.90 9.95
N PRO A 28 -7.07 -4.42 11.19
CA PRO A 28 -8.31 -4.26 11.96
C PRO A 28 -8.68 -2.79 12.16
N HIS A 29 -9.83 -2.40 11.63
CA HIS A 29 -10.31 -1.03 11.75
C HIS A 29 -11.82 -1.00 11.93
N ARG A 30 -12.37 0.21 12.02
CA ARG A 30 -13.81 0.38 12.20
C ARG A 30 -14.42 1.17 11.05
N PHE A 31 -15.36 0.53 10.35
CA PHE A 31 -16.02 1.17 9.21
C PHE A 31 -17.53 1.16 9.39
N GLN A 32 -18.04 2.09 10.18
CA GLN A 32 -19.47 2.18 10.44
C GLN A 32 -20.23 2.55 9.15
N LYS A 33 -20.20 3.83 8.81
CA LYS A 33 -20.88 4.32 7.61
C LYS A 33 -22.36 3.97 7.65
N THR A 34 -22.95 4.01 8.85
CA THR A 34 -24.35 3.69 9.03
C THR A 34 -25.22 4.42 8.00
N CYS A 35 -24.95 5.71 7.82
CA CYS A 35 -25.71 6.52 6.87
C CYS A 35 -25.56 5.98 5.46
N SER A 36 -26.68 5.52 4.89
CA SER A 36 -26.67 4.97 3.54
C SER A 36 -25.78 3.73 3.45
N PRO A 37 -26.11 2.79 2.55
CA PRO A 37 -25.34 1.56 2.38
C PRO A 37 -23.98 1.82 1.74
N ILE A 38 -23.22 0.74 1.53
CA ILE A 38 -21.89 0.85 0.93
C ILE A 38 -21.93 0.51 -0.55
N SER B 1 -0.47 12.03 -18.33
CA SER B 1 0.49 12.97 -17.68
C SER B 1 0.93 12.45 -16.32
N HIS B 2 0.04 11.70 -15.66
CA HIS B 2 0.34 11.14 -14.34
C HIS B 2 0.01 9.65 -14.30
N PRO B 3 0.95 8.80 -14.77
CA PRO B 3 0.76 7.35 -14.77
C PRO B 3 0.29 6.81 -13.42
N GLU B 4 -0.26 5.61 -13.42
CA GLU B 4 -0.73 4.97 -12.19
C GLU B 4 0.31 4.00 -11.64
N ASP B 5 1.56 4.19 -12.02
CA ASP B 5 2.64 3.33 -11.56
C ASP B 5 3.58 4.07 -10.62
N ASP B 6 3.57 5.40 -10.70
CA ASP B 6 4.42 6.23 -9.85
C ASP B 6 4.18 5.93 -8.38
N TRP B 7 2.94 6.18 -7.92
CA TRP B 7 2.59 5.95 -6.53
C TRP B 7 3.03 4.57 -6.05
N LEU B 8 2.88 3.57 -6.91
CA LEU B 8 3.25 2.21 -6.58
C LEU B 8 4.77 2.09 -6.40
N GLU B 9 5.51 2.94 -7.11
CA GLU B 9 6.96 2.94 -7.04
C GLU B 9 7.44 3.12 -5.60
N ASN B 10 6.72 3.95 -4.85
CA ASN B 10 7.07 4.22 -3.46
C ASN B 10 5.99 3.70 -2.51
N ILE B 11 5.38 2.58 -2.87
CA ILE B 11 4.34 1.98 -2.07
C ILE B 11 4.91 1.47 -0.74
N ASP B 12 4.11 1.57 0.32
CA ASP B 12 4.53 1.12 1.64
C ASP B 12 3.74 -0.12 2.07
N VAL B 13 4.43 -1.06 2.71
CA VAL B 13 3.79 -2.29 3.17
C VAL B 13 3.72 -2.32 4.69
N CYS B 14 2.53 -2.60 5.21
CA CYS B 14 2.30 -2.66 6.65
C CYS B 14 3.16 -3.76 7.27
N GLU B 15 3.45 -3.63 8.56
CA GLU B 15 4.27 -4.60 9.27
C GLU B 15 3.43 -5.50 10.17
N ASN B 16 2.22 -5.83 9.71
CA ASN B 16 1.32 -6.67 10.47
C ASN B 16 0.70 -7.75 9.58
N CYS B 17 0.07 -7.32 8.49
CA CYS B 17 -0.55 -8.25 7.55
C CYS B 17 0.37 -8.51 6.36
N HIS B 18 1.53 -7.87 6.34
CA HIS B 18 2.49 -8.04 5.26
C HIS B 18 1.92 -7.58 3.92
N TYR B 19 0.84 -6.81 3.96
CA TYR B 19 0.21 -6.31 2.76
C TYR B 19 0.69 -4.89 2.46
N PRO B 20 0.44 -4.43 1.23
CA PRO B 20 0.83 -3.10 0.80
C PRO B 20 -0.18 -2.05 1.21
N ILE B 21 0.17 -1.24 2.20
CA ILE B 21 -0.70 -0.20 2.70
C ILE B 21 -0.85 0.94 1.69
N VAL B 22 -1.96 1.66 1.79
CA VAL B 22 -2.22 2.77 0.90
C VAL B 22 -1.91 4.11 1.57
N PRO B 23 -1.04 4.93 0.95
CA PRO B 23 -0.66 6.23 1.52
C PRO B 23 -1.88 7.11 1.78
N LEU B 24 -1.89 7.76 2.95
CA LEU B 24 -2.99 8.63 3.32
C LEU B 24 -2.81 9.17 4.75
N ASP B 25 -2.95 10.49 4.89
CA ASP B 25 -2.79 11.13 6.20
C ASP B 25 -3.23 12.59 6.13
N GLY B 26 -3.05 13.30 7.24
CA GLY B 26 -3.43 14.70 7.29
C GLY B 26 -3.06 15.36 8.61
N LYS B 27 -2.65 16.62 8.54
CA LYS B 27 -2.26 17.37 9.73
C LYS B 27 -2.11 18.85 9.43
N GLY B 28 -2.16 19.68 10.48
CA GLY B 28 -2.04 21.11 10.30
C GLY B 28 -2.40 21.88 11.55
N THR B 29 -3.37 22.78 11.43
CA THR B 29 -3.81 23.58 12.55
C THR B 29 -4.64 22.76 13.52
ZN ZN C . -1.83 -3.74 8.21
N ARG A 1 14.14 6.54 -15.47
CA ARG A 1 15.07 6.32 -14.33
C ARG A 1 14.96 4.89 -13.79
N CYS A 2 16.10 4.28 -13.49
CA CYS A 2 16.13 2.92 -12.97
C CYS A 2 17.55 2.52 -12.56
N ARG A 3 17.98 3.00 -11.40
CA ARG A 3 19.31 2.69 -10.90
C ARG A 3 19.35 2.74 -9.38
N HIS A 4 18.72 1.75 -8.74
CA HIS A 4 18.67 1.68 -7.28
C HIS A 4 19.44 0.47 -6.78
N ARG A 5 20.40 0.70 -5.89
CA ARG A 5 21.21 -0.37 -5.33
C ARG A 5 20.88 -0.59 -3.85
N ARG A 6 19.60 -0.52 -3.52
CA ARG A 6 19.15 -0.70 -2.14
C ARG A 6 17.68 -1.07 -2.09
N ARG A 7 16.84 -0.18 -2.62
CA ARG A 7 15.39 -0.41 -2.63
C ARG A 7 15.01 -1.43 -3.71
N GLN A 8 13.94 -2.18 -3.45
CA GLN A 8 13.47 -3.18 -4.39
C GLN A 8 11.98 -3.02 -4.68
N ALA A 9 11.55 -3.45 -5.85
CA ALA A 9 10.16 -3.33 -6.24
C ALA A 9 9.72 -4.54 -7.07
N GLU A 10 10.36 -5.69 -6.83
CA GLU A 10 10.04 -6.90 -7.55
C GLU A 10 8.63 -7.39 -7.22
N ARG A 11 8.08 -6.89 -6.11
CA ARG A 11 6.75 -7.28 -5.69
C ARG A 11 5.66 -6.66 -6.56
N LEU A 12 6.07 -5.77 -7.44
CA LEU A 12 5.16 -5.08 -8.35
C LEU A 12 4.12 -6.02 -8.93
N SER A 13 4.56 -7.02 -9.69
CA SER A 13 3.66 -7.98 -10.30
C SER A 13 2.86 -8.73 -9.24
N GLN A 14 3.55 -9.23 -8.21
CA GLN A 14 2.90 -9.95 -7.13
C GLN A 14 1.81 -9.08 -6.51
N ILE A 15 2.21 -7.86 -6.16
CA ILE A 15 1.30 -6.88 -5.57
C ILE A 15 0.31 -6.39 -6.62
N LYS A 16 0.63 -6.63 -7.89
CA LYS A 16 -0.21 -6.21 -9.00
C LYS A 16 -1.54 -6.95 -8.96
N ARG A 17 -1.48 -8.28 -8.88
CA ARG A 17 -2.67 -9.10 -8.83
C ARG A 17 -3.35 -8.96 -7.48
N LEU A 18 -2.53 -8.84 -6.44
CA LEU A 18 -3.04 -8.69 -5.08
C LEU A 18 -3.95 -7.47 -4.98
N LEU A 19 -3.49 -6.35 -5.52
CA LEU A 19 -4.25 -5.12 -5.51
C LEU A 19 -5.54 -5.27 -6.31
N SER A 20 -5.43 -5.95 -7.44
CA SER A 20 -6.57 -6.19 -8.32
C SER A 20 -7.67 -6.93 -7.57
N GLU A 21 -7.25 -7.81 -6.66
CA GLU A 21 -8.20 -8.57 -5.86
C GLU A 21 -8.51 -7.81 -4.57
N LYS A 22 -8.01 -6.59 -4.49
CA LYS A 22 -8.23 -5.75 -3.32
C LYS A 22 -7.71 -6.40 -2.05
N LYS A 23 -6.52 -7.01 -2.16
CA LYS A 23 -5.90 -7.68 -1.04
C LYS A 23 -4.75 -6.84 -0.49
N THR A 24 -5.09 -5.67 0.04
CA THR A 24 -4.10 -4.77 0.60
C THR A 24 -4.31 -4.57 2.10
N CYS A 25 -3.33 -3.93 2.74
CA CYS A 25 -3.38 -3.66 4.18
C CYS A 25 -4.81 -3.56 4.69
N GLN A 26 -5.31 -4.70 5.17
CA GLN A 26 -6.66 -4.78 5.70
C GLN A 26 -6.68 -4.54 7.20
N CYS A 27 -5.66 -3.85 7.69
CA CYS A 27 -5.52 -3.54 9.10
C CYS A 27 -6.85 -3.10 9.71
N PRO A 28 -6.99 -3.16 11.04
CA PRO A 28 -8.22 -2.77 11.74
C PRO A 28 -8.48 -1.26 11.67
N HIS A 29 -8.56 -0.72 10.45
CA HIS A 29 -8.81 0.70 10.25
C HIS A 29 -7.97 1.56 11.19
N ARG A 30 -6.78 1.07 11.54
CA ARG A 30 -5.89 1.78 12.44
C ARG A 30 -4.57 2.13 11.74
N PHE A 31 -4.32 3.43 11.57
CA PHE A 31 -3.11 3.90 10.92
C PHE A 31 -1.97 4.05 11.94
N GLN A 32 -0.78 4.40 11.43
CA GLN A 32 0.37 4.59 12.30
C GLN A 32 0.43 6.00 12.84
N LYS A 33 0.42 6.98 11.94
CA LYS A 33 0.47 8.38 12.32
C LYS A 33 -0.66 8.73 13.28
N THR A 34 -0.83 10.03 13.55
CA THR A 34 -1.87 10.50 14.44
C THR A 34 -1.72 12.00 14.71
N CYS A 35 -2.73 12.77 14.34
CA CYS A 35 -2.70 14.21 14.55
C CYS A 35 -3.77 14.64 15.55
N SER A 36 -3.34 15.33 16.61
CA SER A 36 -4.25 15.79 17.65
C SER A 36 -4.99 14.63 18.29
N PRO A 37 -4.27 13.79 19.06
CA PRO A 37 -4.86 12.63 19.74
C PRO A 37 -6.04 13.02 20.62
N ILE A 38 -6.88 12.04 20.95
CA ILE A 38 -8.04 12.28 21.79
C ILE A 38 -8.52 11.00 22.45
N SER B 1 0.49 15.79 -16.59
CA SER B 1 0.33 14.32 -16.68
C SER B 1 0.84 13.63 -15.42
N HIS B 2 -0.04 12.90 -14.75
CA HIS B 2 0.32 12.20 -13.52
C HIS B 2 0.26 10.68 -13.73
N PRO B 3 1.37 10.06 -14.16
CA PRO B 3 1.41 8.62 -14.40
C PRO B 3 0.90 7.81 -13.21
N GLU B 4 0.55 6.55 -13.46
CA GLU B 4 0.04 5.69 -12.41
C GLU B 4 1.14 4.81 -11.82
N ASP B 5 2.39 5.21 -12.03
CA ASP B 5 3.53 4.46 -11.52
C ASP B 5 4.24 5.22 -10.41
N ASP B 6 4.07 6.55 -10.39
CA ASP B 6 4.70 7.39 -9.38
C ASP B 6 4.38 6.89 -7.97
N TRP B 7 3.10 6.93 -7.61
CA TRP B 7 2.65 6.49 -6.30
C TRP B 7 3.21 5.12 -5.94
N LEU B 8 3.23 4.22 -6.92
CA LEU B 8 3.73 2.87 -6.71
C LEU B 8 5.22 2.89 -6.38
N GLU B 9 5.93 3.86 -6.96
CA GLU B 9 7.37 3.98 -6.75
C GLU B 9 7.68 4.18 -5.27
N ASN B 10 6.74 4.79 -4.54
CA ASN B 10 6.92 5.05 -3.12
C ASN B 10 5.92 4.24 -2.28
N ILE B 11 5.51 3.10 -2.81
CA ILE B 11 4.55 2.24 -2.11
C ILE B 11 5.21 1.53 -0.94
N ASP B 12 4.44 1.28 0.12
CA ASP B 12 4.95 0.62 1.30
C ASP B 12 4.13 -0.64 1.61
N VAL B 13 4.66 -1.49 2.48
CA VAL B 13 3.98 -2.71 2.87
C VAL B 13 3.91 -2.84 4.39
N CYS B 14 2.70 -2.81 4.93
CA CYS B 14 2.48 -2.93 6.36
C CYS B 14 3.14 -4.19 6.91
N GLU B 15 3.40 -4.22 8.21
CA GLU B 15 4.05 -5.36 8.84
C GLU B 15 3.07 -6.28 9.56
N ASN B 16 1.99 -5.70 10.07
CA ASN B 16 0.98 -6.47 10.79
C ASN B 16 0.38 -7.54 9.90
N CYS B 17 -0.04 -7.14 8.71
CA CYS B 17 -0.63 -8.06 7.76
C CYS B 17 0.35 -8.39 6.62
N HIS B 18 1.49 -7.71 6.61
CA HIS B 18 2.50 -7.94 5.58
C HIS B 18 1.97 -7.59 4.19
N TYR B 19 0.86 -6.85 4.14
CA TYR B 19 0.27 -6.47 2.88
C TYR B 19 0.73 -5.07 2.46
N PRO B 20 0.47 -4.70 1.20
CA PRO B 20 0.84 -3.40 0.67
C PRO B 20 -0.15 -2.32 1.05
N ILE B 21 0.24 -1.46 1.98
CA ILE B 21 -0.61 -0.37 2.44
C ILE B 21 -0.82 0.69 1.36
N VAL B 22 -1.92 1.40 1.46
CA VAL B 22 -2.23 2.45 0.50
C VAL B 22 -2.04 3.85 1.11
N PRO B 23 -0.97 4.56 0.72
CA PRO B 23 -0.69 5.90 1.25
C PRO B 23 -1.70 6.94 0.76
N LEU B 24 -2.00 7.91 1.61
CA LEU B 24 -2.95 8.96 1.27
C LEU B 24 -2.61 9.61 -0.08
N ASP B 25 -3.49 10.51 -0.53
CA ASP B 25 -3.28 11.21 -1.79
C ASP B 25 -4.25 12.38 -1.93
N GLY B 26 -3.84 13.53 -1.43
CA GLY B 26 -4.69 14.72 -1.50
C GLY B 26 -4.07 15.92 -0.83
N LYS B 27 -4.92 16.85 -0.40
CA LYS B 27 -4.44 18.07 0.26
C LYS B 27 -5.30 18.39 1.49
N GLY B 28 -4.80 19.28 2.33
CA GLY B 28 -5.53 19.65 3.53
C GLY B 28 -5.17 21.04 4.03
N THR B 29 -5.42 22.05 3.19
CA THR B 29 -5.12 23.43 3.55
C THR B 29 -5.59 24.39 2.47
ZN ZN C . -1.74 -3.45 8.03
N ARG A 1 19.53 -12.22 4.31
CA ARG A 1 18.96 -12.89 3.12
C ARG A 1 19.37 -12.17 1.83
N CYS A 2 19.58 -10.86 1.93
CA CYS A 2 19.98 -10.07 0.77
C CYS A 2 20.86 -8.90 1.20
N ARG A 3 21.59 -8.33 0.24
CA ARG A 3 22.47 -7.21 0.50
C ARG A 3 22.32 -6.12 -0.55
N HIS A 4 22.56 -6.49 -1.80
CA HIS A 4 22.45 -5.54 -2.91
C HIS A 4 20.99 -5.31 -3.28
N ARG A 5 20.72 -4.19 -3.96
CA ARG A 5 19.37 -3.84 -4.37
C ARG A 5 19.17 -4.12 -5.86
N ARG A 6 18.56 -5.25 -6.18
CA ARG A 6 18.31 -5.61 -7.57
C ARG A 6 16.82 -5.62 -7.88
N ARG A 7 16.48 -5.21 -9.09
CA ARG A 7 15.08 -5.18 -9.52
C ARG A 7 14.23 -4.35 -8.56
N GLN A 8 14.38 -3.03 -8.64
CA GLN A 8 13.62 -2.13 -7.78
C GLN A 8 12.16 -2.09 -8.18
N ALA A 9 11.27 -2.06 -7.19
CA ALA A 9 9.83 -2.03 -7.45
C ALA A 9 9.39 -3.27 -8.22
N GLU A 10 10.08 -4.39 -7.99
CA GLU A 10 9.77 -5.64 -8.66
C GLU A 10 8.44 -6.21 -8.16
N ARG A 11 7.93 -5.67 -7.05
CA ARG A 11 6.67 -6.14 -6.48
C ARG A 11 5.47 -5.70 -7.31
N LEU A 12 5.74 -4.86 -8.30
CA LEU A 12 4.70 -4.34 -9.19
C LEU A 12 3.70 -5.42 -9.59
N SER A 13 4.18 -6.41 -10.32
CA SER A 13 3.33 -7.51 -10.79
C SER A 13 2.70 -8.24 -9.60
N GLN A 14 3.50 -8.55 -8.59
CA GLN A 14 3.00 -9.23 -7.41
C GLN A 14 1.86 -8.43 -6.79
N ILE A 15 2.14 -7.15 -6.54
CA ILE A 15 1.17 -6.24 -5.97
C ILE A 15 0.07 -5.92 -7.00
N LYS A 16 0.35 -6.22 -8.26
CA LYS A 16 -0.59 -5.98 -9.34
C LYS A 16 -1.84 -6.84 -9.17
N ARG A 17 -1.63 -8.14 -9.01
CA ARG A 17 -2.73 -9.07 -8.83
C ARG A 17 -3.33 -8.93 -7.44
N LEU A 18 -2.47 -8.64 -6.48
CA LEU A 18 -2.89 -8.48 -5.09
C LEU A 18 -3.92 -7.36 -4.98
N LEU A 19 -3.57 -6.19 -5.49
CA LEU A 19 -4.46 -5.04 -5.47
C LEU A 19 -5.75 -5.33 -6.22
N SER A 20 -5.60 -6.01 -7.35
CA SER A 20 -6.74 -6.36 -8.19
C SER A 20 -7.70 -7.25 -7.41
N GLU A 21 -7.13 -8.10 -6.54
CA GLU A 21 -7.93 -8.98 -5.72
C GLU A 21 -8.28 -8.31 -4.40
N LYS A 22 -7.93 -7.03 -4.30
CA LYS A 22 -8.20 -6.26 -3.09
C LYS A 22 -7.56 -6.89 -1.87
N LYS A 23 -6.34 -7.37 -2.04
CA LYS A 23 -5.61 -8.00 -0.95
C LYS A 23 -4.54 -7.06 -0.40
N THR A 24 -4.98 -5.94 0.13
CA THR A 24 -4.07 -4.94 0.69
C THR A 24 -4.32 -4.76 2.18
N CYS A 25 -3.46 -3.94 2.80
CA CYS A 25 -3.53 -3.67 4.23
C CYS A 25 -4.97 -3.67 4.72
N GLN A 26 -5.40 -4.83 5.21
CA GLN A 26 -6.75 -4.99 5.74
C GLN A 26 -6.77 -4.79 7.24
N CYS A 27 -5.80 -4.01 7.73
CA CYS A 27 -5.67 -3.71 9.15
C CYS A 27 -7.03 -3.49 9.80
N PRO A 28 -7.15 -3.81 11.10
CA PRO A 28 -8.41 -3.66 11.85
C PRO A 28 -8.91 -2.22 11.82
N HIS A 29 -10.22 -2.05 11.93
CA HIS A 29 -10.83 -0.72 11.92
C HIS A 29 -10.48 0.04 13.19
N ARG A 30 -10.87 -0.52 14.33
CA ARG A 30 -10.60 0.10 15.63
C ARG A 30 -10.98 -0.83 16.76
N PHE A 31 -10.78 -0.36 17.99
CA PHE A 31 -11.10 -1.15 19.18
C PHE A 31 -12.34 -0.61 19.88
N GLN A 32 -13.45 -1.31 19.75
CA GLN A 32 -14.70 -0.90 20.37
C GLN A 32 -15.38 -2.08 21.08
N LYS A 33 -15.95 -2.97 20.29
CA LYS A 33 -16.63 -4.15 20.83
C LYS A 33 -15.72 -4.93 21.78
N THR A 34 -14.54 -5.30 21.29
CA THR A 34 -13.57 -6.04 22.08
C THR A 34 -13.35 -5.38 23.43
N CYS A 35 -13.51 -6.14 24.50
CA CYS A 35 -13.32 -5.63 25.86
C CYS A 35 -12.50 -6.59 26.70
N SER A 36 -11.69 -7.42 26.05
CA SER A 36 -10.85 -8.39 26.75
C SER A 36 -11.69 -9.30 27.63
N PRO A 37 -11.95 -10.55 27.19
CA PRO A 37 -12.74 -11.51 27.97
C PRO A 37 -12.06 -11.91 29.27
N ILE A 38 -10.74 -11.78 29.31
CA ILE A 38 -9.98 -12.13 30.49
C ILE A 38 -9.34 -10.90 31.13
N SER B 1 0.78 8.11 -19.21
CA SER B 1 -0.46 8.91 -19.26
C SER B 1 -1.14 8.96 -17.90
N HIS B 2 -1.16 7.82 -17.21
CA HIS B 2 -1.77 7.73 -15.89
C HIS B 2 -0.71 7.71 -14.78
N PRO B 3 -0.78 8.66 -13.84
CA PRO B 3 0.18 8.75 -12.74
C PRO B 3 -0.05 7.68 -11.68
N GLU B 4 0.03 6.41 -12.09
CA GLU B 4 -0.17 5.30 -11.17
C GLU B 4 1.10 4.44 -11.05
N ASP B 5 2.23 5.03 -11.42
CA ASP B 5 3.51 4.32 -11.35
C ASP B 5 4.40 4.90 -10.27
N ASP B 6 4.29 6.21 -10.06
CA ASP B 6 5.09 6.89 -9.04
C ASP B 6 4.87 6.29 -7.65
N TRP B 7 3.63 6.41 -7.18
CA TRP B 7 3.27 5.89 -5.87
C TRP B 7 3.72 4.44 -5.68
N LEU B 8 3.58 3.65 -6.74
CA LEU B 8 3.96 2.24 -6.69
C LEU B 8 5.47 2.10 -6.59
N GLU B 9 6.20 3.06 -7.16
CA GLU B 9 7.65 3.04 -7.13
C GLU B 9 8.16 3.07 -5.70
N ASN B 10 7.46 3.79 -4.84
CA ASN B 10 7.84 3.91 -3.43
C ASN B 10 6.70 3.46 -2.52
N ILE B 11 6.03 2.39 -2.91
CA ILE B 11 4.92 1.86 -2.14
C ILE B 11 5.40 1.33 -0.78
N ASP B 12 4.55 1.43 0.23
CA ASP B 12 4.88 0.97 1.57
C ASP B 12 4.02 -0.22 1.96
N VAL B 13 4.64 -1.20 2.62
CA VAL B 13 3.93 -2.40 3.05
C VAL B 13 3.79 -2.43 4.57
N CYS B 14 2.55 -2.52 5.04
CA CYS B 14 2.27 -2.56 6.47
C CYS B 14 2.96 -3.77 7.11
N GLU B 15 3.17 -3.71 8.42
CA GLU B 15 3.84 -4.79 9.14
C GLU B 15 2.86 -5.69 9.88
N ASN B 16 1.73 -5.15 10.31
CA ASN B 16 0.74 -5.92 11.03
C ASN B 16 0.22 -7.07 10.18
N CYS B 17 -0.18 -6.76 8.96
CA CYS B 17 -0.69 -7.76 8.05
C CYS B 17 0.32 -8.10 6.95
N HIS B 18 1.44 -7.37 6.94
CA HIS B 18 2.48 -7.60 5.94
C HIS B 18 1.98 -7.34 4.52
N TYR B 19 0.87 -6.62 4.40
CA TYR B 19 0.29 -6.31 3.12
C TYR B 19 0.72 -4.92 2.65
N PRO B 20 0.49 -4.61 1.37
CA PRO B 20 0.85 -3.32 0.79
C PRO B 20 -0.19 -2.25 1.11
N ILE B 21 0.16 -1.35 2.02
CA ILE B 21 -0.74 -0.27 2.41
C ILE B 21 -0.97 0.72 1.28
N VAL B 22 -2.10 1.41 1.34
CA VAL B 22 -2.45 2.39 0.32
C VAL B 22 -2.16 3.82 0.81
N PRO B 23 -1.00 4.38 0.43
CA PRO B 23 -0.62 5.73 0.84
C PRO B 23 -1.47 6.80 0.16
N LEU B 24 -2.00 7.72 0.98
CA LEU B 24 -2.84 8.80 0.46
C LEU B 24 -2.15 9.56 -0.67
N ASP B 25 -2.88 9.79 -1.75
CA ASP B 25 -2.33 10.50 -2.91
C ASP B 25 -2.58 12.01 -2.77
N GLY B 26 -2.04 12.59 -1.71
CA GLY B 26 -2.19 14.01 -1.48
C GLY B 26 -0.89 14.77 -1.60
N LYS B 27 -0.77 15.87 -0.86
CA LYS B 27 0.43 16.68 -0.87
C LYS B 27 0.55 17.53 0.39
N GLY B 28 1.73 17.51 0.99
CA GLY B 28 1.95 18.29 2.21
C GLY B 28 1.01 17.90 3.32
N THR B 29 0.80 16.60 3.51
CA THR B 29 -0.08 16.10 4.54
C THR B 29 0.53 14.92 5.28
ZN ZN C . -2.01 -3.22 8.09
N ARG A 1 24.75 5.38 0.40
CA ARG A 1 24.05 6.67 0.21
C ARG A 1 24.80 7.58 -0.76
N CYS A 2 24.28 8.78 -0.97
CA CYS A 2 24.90 9.74 -1.86
C CYS A 2 24.93 9.21 -3.29
N ARG A 3 23.94 8.40 -3.64
CA ARG A 3 23.84 7.83 -4.98
C ARG A 3 22.49 7.15 -5.18
N HIS A 4 22.04 7.11 -6.43
CA HIS A 4 20.76 6.48 -6.76
C HIS A 4 20.80 5.85 -8.14
N ARG A 5 19.84 4.98 -8.42
CA ARG A 5 19.77 4.29 -9.71
C ARG A 5 18.32 4.02 -10.10
N ARG A 6 17.43 4.94 -9.72
CA ARG A 6 16.01 4.80 -10.04
C ARG A 6 15.44 3.52 -9.44
N ARG A 7 15.07 3.57 -8.17
CA ARG A 7 14.51 2.41 -7.48
C ARG A 7 13.21 1.97 -8.13
N GLN A 8 13.03 0.65 -8.24
CA GLN A 8 11.82 0.10 -8.84
C GLN A 8 11.41 -1.19 -8.14
N ALA A 9 10.32 -1.14 -7.39
CA ALA A 9 9.82 -2.30 -6.66
C ALA A 9 9.48 -3.43 -7.62
N GLU A 10 10.28 -4.50 -7.58
CA GLU A 10 10.06 -5.66 -8.44
C GLU A 10 8.73 -6.33 -8.13
N ARG A 11 8.17 -6.03 -6.96
CA ARG A 11 6.90 -6.60 -6.54
C ARG A 11 5.72 -6.00 -7.32
N LEU A 12 6.01 -5.00 -8.11
CA LEU A 12 4.99 -4.31 -8.92
C LEU A 12 3.97 -5.29 -9.49
N SER A 13 4.42 -6.18 -10.37
CA SER A 13 3.54 -7.16 -10.99
C SER A 13 2.87 -8.03 -9.94
N GLN A 14 3.66 -8.54 -9.00
CA GLN A 14 3.12 -9.37 -7.93
C GLN A 14 2.02 -8.63 -7.20
N ILE A 15 2.34 -7.41 -6.76
CA ILE A 15 1.39 -6.57 -6.07
C ILE A 15 0.28 -6.14 -7.03
N LYS A 16 0.58 -6.20 -8.32
CA LYS A 16 -0.39 -5.84 -9.35
C LYS A 16 -1.63 -6.72 -9.26
N ARG A 17 -1.41 -8.03 -9.15
CA ARG A 17 -2.51 -8.97 -9.04
C ARG A 17 -3.15 -8.85 -7.67
N LEU A 18 -2.32 -8.64 -6.66
CA LEU A 18 -2.79 -8.48 -5.30
C LEU A 18 -3.74 -7.29 -5.21
N LEU A 19 -3.37 -6.20 -5.87
CA LEU A 19 -4.17 -4.99 -5.88
C LEU A 19 -5.53 -5.23 -6.53
N SER A 20 -5.50 -5.99 -7.62
CA SER A 20 -6.71 -6.33 -8.36
C SER A 20 -7.67 -7.10 -7.48
N GLU A 21 -7.12 -7.94 -6.60
CA GLU A 21 -7.92 -8.72 -5.70
C GLU A 21 -8.17 -7.96 -4.40
N LYS A 22 -7.72 -6.71 -4.39
CA LYS A 22 -7.89 -5.85 -3.22
C LYS A 22 -7.26 -6.49 -1.98
N LYS A 23 -6.12 -7.10 -2.17
CA LYS A 23 -5.41 -7.75 -1.07
C LYS A 23 -4.32 -6.84 -0.52
N THR A 24 -4.74 -5.73 0.07
CA THR A 24 -3.82 -4.76 0.65
C THR A 24 -4.09 -4.56 2.13
N CYS A 25 -3.22 -3.78 2.78
CA CYS A 25 -3.34 -3.49 4.21
C CYS A 25 -4.79 -3.38 4.63
N GLN A 26 -5.32 -4.49 5.10
CA GLN A 26 -6.71 -4.55 5.55
C GLN A 26 -6.79 -4.31 7.06
N CYS A 27 -5.80 -3.60 7.59
CA CYS A 27 -5.72 -3.29 9.00
C CYS A 27 -7.10 -2.93 9.58
N PRO A 28 -7.32 -3.20 10.88
CA PRO A 28 -8.59 -2.91 11.54
C PRO A 28 -8.95 -1.43 11.45
N HIS A 29 -10.16 -1.10 11.90
CA HIS A 29 -10.63 0.27 11.87
C HIS A 29 -11.61 0.53 13.01
N ARG A 30 -11.08 0.59 14.23
CA ARG A 30 -11.90 0.83 15.41
C ARG A 30 -11.87 2.30 15.81
N PHE A 31 -13.04 2.87 16.08
CA PHE A 31 -13.13 4.27 16.48
C PHE A 31 -12.61 4.47 17.90
N GLN A 32 -11.29 4.44 18.05
CA GLN A 32 -10.66 4.62 19.35
C GLN A 32 -11.10 3.53 20.32
N LYS A 33 -10.77 2.28 19.97
CA LYS A 33 -11.14 1.14 20.81
C LYS A 33 -12.66 1.03 20.95
N THR A 34 -13.10 0.11 21.80
CA THR A 34 -14.52 -0.10 22.04
C THR A 34 -15.25 1.22 22.25
N CYS A 35 -16.31 1.44 21.46
CA CYS A 35 -17.09 2.67 21.57
C CYS A 35 -18.36 2.57 20.72
N SER A 36 -19.45 2.18 21.36
CA SER A 36 -20.73 2.05 20.66
C SER A 36 -20.65 1.00 19.55
N PRO A 37 -20.81 -0.28 19.90
CA PRO A 37 -20.76 -1.37 18.93
C PRO A 37 -21.98 -1.41 18.01
N ILE A 38 -21.73 -1.48 16.72
CA ILE A 38 -22.81 -1.52 15.73
C ILE A 38 -22.96 -2.91 15.13
N SER B 1 -3.69 5.65 -20.49
CA SER B 1 -3.96 5.97 -19.06
C SER B 1 -2.79 6.72 -18.43
N HIS B 2 -3.12 7.67 -17.56
CA HIS B 2 -2.09 8.47 -16.88
C HIS B 2 -1.19 7.58 -16.04
N PRO B 3 0.08 7.99 -15.85
CA PRO B 3 1.05 7.24 -15.06
C PRO B 3 0.51 6.88 -13.67
N GLU B 4 -0.07 5.68 -13.56
CA GLU B 4 -0.63 5.22 -12.29
C GLU B 4 0.36 4.32 -11.56
N ASP B 5 1.64 4.48 -11.86
CA ASP B 5 2.68 3.66 -11.22
C ASP B 5 3.54 4.51 -10.28
N ASP B 6 3.25 5.81 -10.19
CA ASP B 6 4.00 6.70 -9.33
C ASP B 6 3.98 6.22 -7.89
N TRP B 7 2.77 6.16 -7.31
CA TRP B 7 2.60 5.71 -5.94
C TRP B 7 3.28 4.37 -5.70
N LEU B 8 3.17 3.47 -6.68
CA LEU B 8 3.76 2.15 -6.58
C LEU B 8 5.28 2.24 -6.43
N GLU B 9 5.87 3.28 -7.01
CA GLU B 9 7.31 3.48 -6.95
C GLU B 9 7.79 3.54 -5.51
N ASN B 10 6.95 4.07 -4.62
CA ASN B 10 7.29 4.18 -3.21
C ASN B 10 6.28 3.43 -2.34
N ILE B 11 5.76 2.33 -2.86
CA ILE B 11 4.78 1.53 -2.14
C ILE B 11 5.40 0.90 -0.90
N ASP B 12 4.62 0.84 0.18
CA ASP B 12 5.09 0.26 1.44
C ASP B 12 4.18 -0.88 1.87
N VAL B 13 4.71 -1.76 2.72
CA VAL B 13 3.95 -2.90 3.21
C VAL B 13 3.82 -2.87 4.73
N CYS B 14 2.59 -2.87 5.21
CA CYS B 14 2.32 -2.85 6.64
C CYS B 14 3.00 -4.02 7.34
N GLU B 15 3.17 -3.91 8.66
CA GLU B 15 3.83 -4.96 9.43
C GLU B 15 2.82 -5.86 10.15
N ASN B 16 1.67 -5.31 10.50
CA ASN B 16 0.64 -6.06 11.19
C ASN B 16 0.08 -7.16 10.31
N CYS B 17 -0.35 -6.80 9.10
CA CYS B 17 -0.91 -7.75 8.16
C CYS B 17 0.10 -8.14 7.09
N HIS B 18 1.25 -7.48 7.07
CA HIS B 18 2.30 -7.76 6.10
C HIS B 18 1.84 -7.48 4.68
N TYR B 19 0.74 -6.75 4.53
CA TYR B 19 0.21 -6.41 3.23
C TYR B 19 0.65 -5.01 2.80
N PRO B 20 0.59 -4.75 1.49
CA PRO B 20 0.97 -3.45 0.92
C PRO B 20 0.05 -2.33 1.40
N ILE B 21 0.56 -1.49 2.28
CA ILE B 21 -0.21 -0.38 2.82
C ILE B 21 -0.36 0.73 1.80
N VAL B 22 -1.42 1.53 1.97
CA VAL B 22 -1.69 2.64 1.06
C VAL B 22 -1.76 3.96 1.81
N PRO B 23 -1.05 5.00 1.32
CA PRO B 23 -1.04 6.31 1.96
C PRO B 23 -2.44 6.89 2.14
N LEU B 24 -2.68 7.50 3.29
CA LEU B 24 -3.98 8.08 3.59
C LEU B 24 -4.43 9.06 2.50
N ASP B 25 -5.66 9.52 2.60
CA ASP B 25 -6.22 10.45 1.62
C ASP B 25 -6.20 9.84 0.22
N GLY B 26 -7.32 9.25 -0.17
CA GLY B 26 -7.42 8.64 -1.49
C GLY B 26 -8.74 8.93 -2.17
N LYS B 27 -9.46 7.89 -2.56
CA LYS B 27 -10.74 8.04 -3.22
C LYS B 27 -11.90 7.70 -2.28
N GLY B 28 -11.63 7.74 -0.98
CA GLY B 28 -12.66 7.44 -0.01
C GLY B 28 -12.72 8.46 1.11
N THR B 29 -12.29 9.68 0.82
CA THR B 29 -12.31 10.76 1.80
C THR B 29 -11.44 10.40 3.00
ZN ZN C . -1.96 -3.10 8.15
N ARG A 1 17.86 5.07 -5.94
CA ARG A 1 17.21 6.29 -5.38
C ARG A 1 18.03 6.85 -4.21
N CYS A 2 18.74 5.98 -3.52
CA CYS A 2 19.57 6.39 -2.38
C CYS A 2 20.73 5.42 -2.17
N ARG A 3 20.45 4.29 -1.55
CA ARG A 3 21.47 3.27 -1.29
C ARG A 3 20.90 2.11 -0.48
N HIS A 4 20.00 2.43 0.46
CA HIS A 4 19.38 1.43 1.30
C HIS A 4 18.41 0.55 0.50
N ARG A 5 18.10 0.97 -0.73
CA ARG A 5 17.18 0.23 -1.58
C ARG A 5 17.58 -1.25 -1.66
N ARG A 6 16.60 -2.11 -1.92
CA ARG A 6 16.84 -3.54 -2.01
C ARG A 6 16.71 -4.02 -3.46
N ARG A 7 15.48 -4.02 -3.97
CA ARG A 7 15.22 -4.46 -5.34
C ARG A 7 14.49 -3.38 -6.13
N GLN A 8 14.59 -2.13 -5.67
CA GLN A 8 13.94 -1.02 -6.34
C GLN A 8 12.42 -1.13 -6.26
N ALA A 9 11.85 -2.08 -7.01
CA ALA A 9 10.41 -2.27 -7.02
C ALA A 9 10.03 -3.45 -7.92
N GLU A 10 10.66 -4.59 -7.71
CA GLU A 10 10.39 -5.78 -8.51
C GLU A 10 9.06 -6.41 -8.13
N ARG A 11 8.55 -6.06 -6.95
CA ARG A 11 7.28 -6.59 -6.47
C ARG A 11 6.09 -5.97 -7.21
N LEU A 12 6.38 -4.98 -8.03
CA LEU A 12 5.36 -4.28 -8.81
C LEU A 12 4.32 -5.25 -9.37
N SER A 13 4.76 -6.16 -10.24
CA SER A 13 3.87 -7.13 -10.85
C SER A 13 3.20 -8.00 -9.79
N GLN A 14 3.99 -8.51 -8.84
CA GLN A 14 3.45 -9.33 -7.78
C GLN A 14 2.36 -8.57 -7.04
N ILE A 15 2.69 -7.36 -6.61
CA ILE A 15 1.76 -6.50 -5.91
C ILE A 15 0.67 -6.02 -6.87
N LYS A 16 0.95 -6.12 -8.17
CA LYS A 16 0.00 -5.73 -9.20
C LYS A 16 -1.27 -6.57 -9.11
N ARG A 17 -1.08 -7.88 -8.98
CA ARG A 17 -2.21 -8.79 -8.88
C ARG A 17 -2.82 -8.74 -7.49
N LEU A 18 -1.97 -8.59 -6.48
CA LEU A 18 -2.42 -8.51 -5.10
C LEU A 18 -3.38 -7.34 -4.90
N LEU A 19 -2.95 -6.15 -5.33
CA LEU A 19 -3.75 -4.96 -5.22
C LEU A 19 -5.01 -5.06 -6.06
N SER A 20 -4.85 -5.65 -7.25
CA SER A 20 -5.96 -5.83 -8.17
C SER A 20 -7.07 -6.63 -7.51
N GLU A 21 -6.69 -7.53 -6.62
CA GLU A 21 -7.64 -8.35 -5.89
C GLU A 21 -8.13 -7.61 -4.66
N LYS A 22 -7.69 -6.36 -4.52
CA LYS A 22 -8.07 -5.52 -3.39
C LYS A 22 -7.54 -6.10 -2.08
N LYS A 23 -6.31 -6.59 -2.12
CA LYS A 23 -5.68 -7.17 -0.95
C LYS A 23 -4.66 -6.19 -0.34
N THR A 24 -5.17 -5.15 0.29
CA THR A 24 -4.31 -4.14 0.92
C THR A 24 -4.50 -4.13 2.42
N CYS A 25 -3.64 -3.35 3.09
CA CYS A 25 -3.67 -3.22 4.55
C CYS A 25 -5.08 -3.36 5.11
N GLN A 26 -5.40 -4.58 5.51
CA GLN A 26 -6.71 -4.89 6.06
C GLN A 26 -6.68 -4.78 7.58
N CYS A 27 -5.74 -3.98 8.09
CA CYS A 27 -5.58 -3.77 9.52
C CYS A 27 -6.93 -3.59 10.22
N PRO A 28 -7.01 -3.95 11.51
CA PRO A 28 -8.24 -3.84 12.29
C PRO A 28 -8.78 -2.41 12.29
N HIS A 29 -9.78 -2.16 11.45
CA HIS A 29 -10.38 -0.83 11.36
C HIS A 29 -10.94 -0.39 12.70
N ARG A 30 -11.35 -1.36 13.52
CA ARG A 30 -11.91 -1.08 14.83
C ARG A 30 -11.46 -2.13 15.84
N PHE A 31 -11.07 -1.66 17.04
CA PHE A 31 -10.62 -2.56 18.09
C PHE A 31 -11.74 -3.49 18.54
N GLN A 32 -11.36 -4.64 19.09
CA GLN A 32 -12.33 -5.63 19.56
C GLN A 32 -13.26 -5.02 20.61
N LYS A 33 -12.76 -4.04 21.33
CA LYS A 33 -13.53 -3.37 22.37
C LYS A 33 -12.71 -2.29 23.06
N THR A 34 -12.60 -1.13 22.42
CA THR A 34 -11.83 -0.01 22.97
C THR A 34 -12.17 0.23 24.44
N CYS A 35 -13.46 0.33 24.74
CA CYS A 35 -13.91 0.55 26.11
C CYS A 35 -15.18 -0.24 26.40
N SER A 36 -15.25 -1.45 25.85
CA SER A 36 -16.42 -2.31 26.07
C SER A 36 -17.68 -1.66 25.50
N PRO A 37 -17.97 -1.89 24.21
CA PRO A 37 -19.16 -1.32 23.57
C PRO A 37 -20.46 -1.92 24.10
N ILE A 38 -20.38 -3.15 24.59
CA ILE A 38 -21.55 -3.84 25.13
C ILE A 38 -21.14 -4.97 26.06
N SER B 1 -3.32 9.21 -20.59
CA SER B 1 -3.18 7.82 -20.10
C SER B 1 -3.23 7.77 -18.57
N HIS B 2 -2.77 8.84 -17.94
CA HIS B 2 -2.76 8.92 -16.48
C HIS B 2 -1.88 7.81 -15.88
N PRO B 3 -0.58 8.10 -15.69
CA PRO B 3 0.36 7.12 -15.13
C PRO B 3 0.08 6.83 -13.66
N GLU B 4 -0.29 5.59 -13.36
CA GLU B 4 -0.59 5.17 -12.00
C GLU B 4 0.48 4.22 -11.47
N ASP B 5 1.67 4.30 -12.04
CA ASP B 5 2.78 3.44 -11.62
C ASP B 5 3.71 4.17 -10.67
N ASP B 6 3.73 5.51 -10.76
CA ASP B 6 4.57 6.32 -9.89
C ASP B 6 4.31 6.02 -8.42
N TRP B 7 3.10 6.34 -7.96
CA TRP B 7 2.72 6.11 -6.57
C TRP B 7 3.01 4.67 -6.15
N LEU B 8 2.75 3.73 -7.05
CA LEU B 8 2.98 2.32 -6.76
C LEU B 8 4.47 2.03 -6.57
N GLU B 9 5.31 2.81 -7.24
CA GLU B 9 6.76 2.63 -7.13
C GLU B 9 7.24 2.90 -5.72
N ASN B 10 6.56 3.81 -5.02
CA ASN B 10 6.92 4.16 -3.65
C ASN B 10 5.96 3.52 -2.65
N ILE B 11 5.35 2.41 -3.04
CA ILE B 11 4.42 1.71 -2.17
C ILE B 11 5.15 0.88 -1.12
N ASP B 12 4.47 0.62 0.00
CA ASP B 12 5.06 -0.15 1.08
C ASP B 12 4.06 -1.19 1.60
N VAL B 13 4.54 -2.12 2.42
CA VAL B 13 3.68 -3.15 2.99
C VAL B 13 3.60 -3.02 4.51
N CYS B 14 2.38 -2.99 5.03
CA CYS B 14 2.15 -2.86 6.46
C CYS B 14 2.91 -3.94 7.23
N GLU B 15 3.18 -3.67 8.50
CA GLU B 15 3.90 -4.62 9.35
C GLU B 15 2.95 -5.30 10.33
N ASN B 16 1.74 -5.56 9.89
CA ASN B 16 0.73 -6.22 10.72
C ASN B 16 0.02 -7.30 9.94
N CYS B 17 -0.62 -6.91 8.84
CA CYS B 17 -1.34 -7.84 7.99
C CYS B 17 -0.47 -8.30 6.82
N HIS B 18 0.76 -7.81 6.76
CA HIS B 18 1.69 -8.18 5.70
C HIS B 18 1.15 -7.76 4.33
N TYR B 19 0.18 -6.84 4.31
CA TYR B 19 -0.40 -6.36 3.08
C TYR B 19 0.21 -5.03 2.67
N PRO B 20 0.08 -4.68 1.39
CA PRO B 20 0.59 -3.43 0.83
C PRO B 20 -0.16 -2.22 1.40
N ILE B 21 0.50 -1.48 2.27
CA ILE B 21 -0.10 -0.30 2.88
C ILE B 21 -0.26 0.83 1.86
N VAL B 22 -1.22 1.71 2.13
CA VAL B 22 -1.49 2.83 1.25
C VAL B 22 -1.78 4.11 2.04
N PRO B 23 -0.91 5.13 1.95
CA PRO B 23 -1.09 6.38 2.67
C PRO B 23 -2.48 6.97 2.47
N LEU B 24 -3.18 7.22 3.57
CA LEU B 24 -4.52 7.78 3.52
C LEU B 24 -5.49 6.83 2.82
N ASP B 25 -6.66 6.63 3.43
CA ASP B 25 -7.67 5.74 2.85
C ASP B 25 -8.94 6.50 2.50
N GLY B 26 -9.57 7.10 3.51
CA GLY B 26 -10.79 7.84 3.28
C GLY B 26 -11.98 6.94 3.01
N LYS B 27 -13.18 7.46 3.24
CA LYS B 27 -14.40 6.69 3.02
C LYS B 27 -15.63 7.58 3.09
N GLY B 28 -15.48 8.83 2.64
CA GLY B 28 -16.59 9.76 2.66
C GLY B 28 -16.44 10.88 1.65
N THR B 29 -15.84 10.56 0.51
CA THR B 29 -15.62 11.55 -0.54
C THR B 29 -16.86 11.71 -1.40
ZN ZN C . -2.11 -3.23 8.31
N ARG A 1 24.72 3.77 6.79
CA ARG A 1 23.23 3.80 6.70
C ARG A 1 22.73 2.96 5.52
N CYS A 2 21.43 2.97 5.30
CA CYS A 2 20.82 2.21 4.21
C CYS A 2 19.98 3.12 3.32
N ARG A 3 20.65 3.84 2.42
CA ARG A 3 19.96 4.75 1.50
C ARG A 3 18.98 3.99 0.61
N HIS A 4 19.38 2.80 0.18
CA HIS A 4 18.54 1.97 -0.68
C HIS A 4 18.64 0.50 -0.28
N ARG A 5 17.49 -0.17 -0.22
CA ARG A 5 17.45 -1.58 0.14
C ARG A 5 16.06 -2.16 -0.11
N ARG A 6 15.03 -1.41 0.26
CA ARG A 6 13.65 -1.85 0.07
C ARG A 6 13.29 -1.87 -1.40
N ARG A 7 12.99 -0.68 -1.95
CA ARG A 7 12.62 -0.56 -3.36
C ARG A 7 11.30 -1.25 -3.65
N GLN A 8 11.32 -2.58 -3.64
CA GLN A 8 10.11 -3.36 -3.91
C GLN A 8 9.59 -3.08 -5.31
N ALA A 9 10.47 -3.17 -6.30
CA ALA A 9 10.08 -2.91 -7.69
C ALA A 9 9.72 -4.22 -8.39
N GLU A 10 10.36 -5.31 -8.00
CA GLU A 10 10.10 -6.61 -8.60
C GLU A 10 8.73 -7.13 -8.19
N ARG A 11 8.22 -6.65 -7.06
CA ARG A 11 6.93 -7.08 -6.56
C ARG A 11 5.78 -6.44 -7.34
N LEU A 12 6.13 -5.54 -8.23
CA LEU A 12 5.14 -4.84 -9.06
C LEU A 12 4.07 -5.80 -9.58
N SER A 13 4.49 -6.76 -10.40
CA SER A 13 3.56 -7.74 -10.97
C SER A 13 2.86 -8.52 -9.86
N GLN A 14 3.61 -8.98 -8.88
CA GLN A 14 3.04 -9.73 -7.77
C GLN A 14 1.97 -8.90 -7.09
N ILE A 15 2.35 -7.67 -6.73
CA ILE A 15 1.45 -6.73 -6.09
C ILE A 15 0.37 -6.27 -7.08
N LYS A 16 0.65 -6.47 -8.36
CA LYS A 16 -0.28 -6.08 -9.42
C LYS A 16 -1.58 -6.88 -9.31
N ARG A 17 -1.46 -8.20 -9.20
CA ARG A 17 -2.62 -9.07 -9.07
C ARG A 17 -3.23 -8.93 -7.69
N LEU A 18 -2.37 -8.75 -6.69
CA LEU A 18 -2.81 -8.59 -5.31
C LEU A 18 -3.73 -7.39 -5.19
N LEU A 19 -3.33 -6.27 -5.79
CA LEU A 19 -4.10 -5.05 -5.74
C LEU A 19 -5.43 -5.23 -6.47
N SER A 20 -5.38 -5.93 -7.59
CA SER A 20 -6.57 -6.20 -8.40
C SER A 20 -7.59 -6.96 -7.57
N GLU A 21 -7.12 -7.84 -6.71
CA GLU A 21 -7.99 -8.62 -5.85
C GLU A 21 -8.26 -7.87 -4.54
N LYS A 22 -7.77 -6.63 -4.48
CA LYS A 22 -7.95 -5.79 -3.31
C LYS A 22 -7.35 -6.44 -2.07
N LYS A 23 -6.18 -7.03 -2.24
CA LYS A 23 -5.48 -7.68 -1.14
C LYS A 23 -4.38 -6.78 -0.59
N THR A 24 -4.79 -5.71 0.07
CA THR A 24 -3.85 -4.75 0.65
C THR A 24 -4.12 -4.55 2.13
N CYS A 25 -3.25 -3.77 2.77
CA CYS A 25 -3.35 -3.47 4.19
C CYS A 25 -4.81 -3.38 4.65
N GLN A 26 -5.31 -4.50 5.14
CA GLN A 26 -6.69 -4.58 5.62
C GLN A 26 -6.74 -4.37 7.12
N CYS A 27 -5.74 -3.64 7.63
CA CYS A 27 -5.63 -3.33 9.05
C CYS A 27 -6.99 -3.04 9.69
N PRO A 28 -7.10 -3.20 11.02
CA PRO A 28 -8.34 -2.94 11.74
C PRO A 28 -8.86 -1.53 11.54
N HIS A 29 -9.75 -1.09 12.43
CA HIS A 29 -10.33 0.24 12.35
C HIS A 29 -11.06 0.44 11.03
N ARG A 30 -11.85 -0.55 10.65
CA ARG A 30 -12.61 -0.49 9.40
C ARG A 30 -13.52 0.74 9.37
N PHE A 31 -13.35 1.57 8.35
CA PHE A 31 -14.16 2.77 8.21
C PHE A 31 -15.64 2.43 8.03
N GLN A 32 -16.51 3.37 8.36
CA GLN A 32 -17.95 3.16 8.23
C GLN A 32 -18.42 2.06 9.18
N LYS A 33 -17.93 2.10 10.41
CA LYS A 33 -18.31 1.10 11.42
C LYS A 33 -17.75 -0.27 11.06
N THR A 34 -18.28 -0.87 9.99
CA THR A 34 -17.84 -2.18 9.54
C THR A 34 -18.72 -2.68 8.40
N CYS A 35 -18.20 -3.64 7.63
CA CYS A 35 -18.94 -4.20 6.51
C CYS A 35 -18.81 -5.72 6.47
N SER A 36 -19.94 -6.41 6.36
CA SER A 36 -19.95 -7.87 6.32
C SER A 36 -19.35 -8.45 7.60
N PRO A 37 -19.90 -8.09 8.76
CA PRO A 37 -19.42 -8.59 10.06
C PRO A 37 -19.77 -10.05 10.28
N ILE A 38 -18.82 -10.82 10.82
CA ILE A 38 -19.03 -12.23 11.08
C ILE A 38 -19.39 -12.47 12.55
N SER B 1 -2.33 10.27 -20.19
CA SER B 1 -1.35 9.33 -19.57
C SER B 1 -1.79 8.89 -18.18
N HIS B 2 -2.11 9.87 -17.35
CA HIS B 2 -2.54 9.59 -15.98
C HIS B 2 -1.48 8.80 -15.21
N PRO B 3 -0.51 9.50 -14.61
CA PRO B 3 0.57 8.86 -13.85
C PRO B 3 0.08 8.28 -12.53
N GLU B 4 -0.48 7.07 -12.59
CA GLU B 4 -1.00 6.41 -11.40
C GLU B 4 -0.04 5.31 -10.94
N ASP B 5 1.23 5.43 -11.31
CA ASP B 5 2.24 4.45 -10.92
C ASP B 5 3.24 5.05 -9.93
N ASP B 6 3.20 6.37 -9.75
CA ASP B 6 4.10 7.05 -8.83
C ASP B 6 4.09 6.39 -7.46
N TRP B 7 2.94 6.41 -6.80
CA TRP B 7 2.78 5.82 -5.48
C TRP B 7 3.35 4.40 -5.42
N LEU B 8 3.13 3.64 -6.49
CA LEU B 8 3.61 2.27 -6.55
C LEU B 8 5.13 2.21 -6.42
N GLU B 9 5.81 3.19 -7.03
CA GLU B 9 7.26 3.24 -6.97
C GLU B 9 7.75 3.33 -5.54
N ASN B 10 7.09 4.14 -4.73
CA ASN B 10 7.46 4.31 -3.33
C ASN B 10 6.44 3.64 -2.41
N ILE B 11 5.85 2.55 -2.89
CA ILE B 11 4.86 1.82 -2.12
C ILE B 11 5.49 1.17 -0.89
N ASP B 12 4.70 1.00 0.16
CA ASP B 12 5.18 0.39 1.40
C ASP B 12 4.23 -0.73 1.84
N VAL B 13 4.77 -1.65 2.63
CA VAL B 13 3.99 -2.78 3.13
C VAL B 13 3.85 -2.73 4.65
N CYS B 14 2.61 -2.73 5.12
CA CYS B 14 2.34 -2.69 6.56
C CYS B 14 2.97 -3.90 7.24
N GLU B 15 3.16 -3.80 8.56
CA GLU B 15 3.79 -4.89 9.31
C GLU B 15 2.76 -5.75 10.03
N ASN B 16 1.66 -5.16 10.44
CA ASN B 16 0.60 -5.87 11.15
C ASN B 16 0.05 -7.00 10.29
N CYS B 17 -0.32 -6.67 9.06
CA CYS B 17 -0.88 -7.64 8.14
C CYS B 17 0.14 -8.05 7.06
N HIS B 18 1.29 -7.38 7.05
CA HIS B 18 2.33 -7.68 6.07
C HIS B 18 1.86 -7.40 4.64
N TYR B 19 0.77 -6.66 4.50
CA TYR B 19 0.22 -6.33 3.21
C TYR B 19 0.67 -4.95 2.75
N PRO B 20 0.60 -4.71 1.44
CA PRO B 20 0.99 -3.43 0.84
C PRO B 20 0.04 -2.31 1.26
N ILE B 21 0.52 -1.44 2.13
CA ILE B 21 -0.29 -0.32 2.62
C ILE B 21 -0.58 0.68 1.50
N VAL B 22 -1.67 1.42 1.66
CA VAL B 22 -2.07 2.41 0.67
C VAL B 22 -2.18 3.81 1.30
N PRO B 23 -1.11 4.62 1.17
CA PRO B 23 -1.09 5.97 1.73
C PRO B 23 -2.30 6.80 1.31
N LEU B 24 -2.89 7.51 2.26
CA LEU B 24 -4.05 8.33 2.00
C LEU B 24 -3.80 9.32 0.86
N ASP B 25 -4.17 8.92 -0.35
CA ASP B 25 -3.99 9.77 -1.52
C ASP B 25 -5.08 9.53 -2.56
N GLY B 26 -5.47 10.60 -3.25
CA GLY B 26 -6.51 10.49 -4.26
C GLY B 26 -7.83 10.02 -3.70
N LYS B 27 -8.68 10.97 -3.31
CA LYS B 27 -9.98 10.64 -2.75
C LYS B 27 -11.06 11.56 -3.32
N GLY B 28 -12.11 10.96 -3.86
CA GLY B 28 -13.19 11.73 -4.43
C GLY B 28 -14.13 12.29 -3.38
N THR B 29 -13.67 13.31 -2.68
CA THR B 29 -14.47 13.95 -1.64
C THR B 29 -14.12 15.43 -1.50
ZN ZN C . -1.95 -3.03 8.11
N ARG A 1 31.65 -4.14 -13.31
CA ARG A 1 30.39 -4.88 -13.01
C ARG A 1 29.50 -4.98 -14.24
N CYS A 2 28.38 -5.67 -14.10
CA CYS A 2 27.44 -5.83 -15.20
C CYS A 2 26.92 -4.48 -15.68
N ARG A 3 26.98 -4.26 -16.99
CA ARG A 3 26.52 -3.01 -17.57
C ARG A 3 25.00 -2.88 -17.46
N HIS A 4 24.52 -1.65 -17.30
CA HIS A 4 23.10 -1.39 -17.18
C HIS A 4 22.51 -2.12 -15.97
N ARG A 5 22.17 -1.36 -14.93
CA ARG A 5 21.61 -1.94 -13.72
C ARG A 5 20.57 -1.00 -13.10
N ARG A 6 19.44 -0.85 -13.78
CA ARG A 6 18.37 0.01 -13.30
C ARG A 6 17.81 -0.49 -11.98
N ARG A 7 17.29 -1.71 -11.99
CA ARG A 7 16.72 -2.32 -10.79
C ARG A 7 15.56 -1.49 -10.26
N GLN A 8 14.35 -2.00 -10.43
CA GLN A 8 13.15 -1.30 -9.96
C GLN A 8 12.33 -2.20 -9.04
N ALA A 9 11.12 -1.76 -8.72
CA ALA A 9 10.23 -2.52 -7.84
C ALA A 9 10.01 -3.93 -8.37
N GLU A 10 10.39 -4.93 -7.57
CA GLU A 10 10.24 -6.32 -7.95
C GLU A 10 8.86 -6.85 -7.55
N ARG A 11 8.35 -6.36 -6.43
CA ARG A 11 7.04 -6.78 -5.94
C ARG A 11 5.91 -6.16 -6.74
N LEU A 12 6.26 -5.24 -7.62
CA LEU A 12 5.29 -4.55 -8.47
C LEU A 12 4.28 -5.53 -9.06
N SER A 13 4.77 -6.49 -9.84
CA SER A 13 3.90 -7.47 -10.46
C SER A 13 3.14 -8.28 -9.42
N GLN A 14 3.84 -8.75 -8.39
CA GLN A 14 3.22 -9.51 -7.32
C GLN A 14 2.10 -8.69 -6.70
N ILE A 15 2.45 -7.47 -6.30
CA ILE A 15 1.50 -6.54 -5.73
C ILE A 15 0.47 -6.13 -6.77
N LYS A 16 0.82 -6.30 -8.04
CA LYS A 16 -0.06 -5.95 -9.14
C LYS A 16 -1.33 -6.78 -9.10
N ARG A 17 -1.18 -8.09 -8.91
CA ARG A 17 -2.32 -9.00 -8.85
C ARG A 17 -3.06 -8.82 -7.54
N LEU A 18 -2.29 -8.63 -6.46
CA LEU A 18 -2.87 -8.45 -5.14
C LEU A 18 -3.79 -7.24 -5.11
N LEU A 19 -3.30 -6.12 -5.66
CA LEU A 19 -4.06 -4.89 -5.71
C LEU A 19 -5.33 -5.07 -6.53
N SER A 20 -5.20 -5.79 -7.64
CA SER A 20 -6.32 -6.06 -8.53
C SER A 20 -7.42 -6.78 -7.78
N GLU A 21 -7.02 -7.63 -6.84
CA GLU A 21 -7.96 -8.38 -6.03
C GLU A 21 -8.35 -7.57 -4.80
N LYS A 22 -7.87 -6.34 -4.73
CA LYS A 22 -8.17 -5.46 -3.61
C LYS A 22 -7.68 -6.06 -2.30
N LYS A 23 -6.49 -6.66 -2.35
CA LYS A 23 -5.90 -7.28 -1.18
C LYS A 23 -4.82 -6.38 -0.57
N THR A 24 -5.27 -5.31 0.09
CA THR A 24 -4.35 -4.37 0.72
C THR A 24 -4.52 -4.37 2.23
N CYS A 25 -3.64 -3.63 2.90
CA CYS A 25 -3.64 -3.51 4.36
C CYS A 25 -5.07 -3.55 4.92
N GLN A 26 -5.47 -4.75 5.30
CA GLN A 26 -6.80 -4.98 5.86
C GLN A 26 -6.74 -4.93 7.39
N CYS A 27 -5.75 -4.23 7.92
CA CYS A 27 -5.55 -4.10 9.35
C CYS A 27 -6.88 -3.84 10.08
N PRO A 28 -6.90 -4.05 11.40
CA PRO A 28 -8.10 -3.85 12.21
C PRO A 28 -8.31 -2.39 12.61
N HIS A 29 -9.57 -1.99 12.73
CA HIS A 29 -9.89 -0.61 13.09
C HIS A 29 -10.98 -0.60 14.17
N ARG A 30 -10.57 -0.76 15.42
CA ARG A 30 -11.50 -0.75 16.54
C ARG A 30 -11.82 0.67 16.97
N PHE A 31 -13.04 0.87 17.47
CA PHE A 31 -13.48 2.18 17.93
C PHE A 31 -13.98 2.12 19.36
N GLN A 32 -13.11 2.44 20.32
CA GLN A 32 -13.47 2.42 21.72
C GLN A 32 -12.48 3.23 22.55
N LYS A 33 -11.20 2.91 22.43
CA LYS A 33 -10.16 3.61 23.17
C LYS A 33 -8.78 3.01 22.89
N THR A 34 -7.83 3.86 22.52
CA THR A 34 -6.47 3.41 22.23
C THR A 34 -5.93 2.51 23.33
N CYS A 35 -5.58 3.11 24.46
CA CYS A 35 -5.05 2.37 25.59
C CYS A 35 -5.97 2.48 26.81
N SER A 36 -5.67 1.71 27.85
CA SER A 36 -6.48 1.73 29.06
C SER A 36 -7.93 1.33 28.77
N PRO A 37 -8.26 0.04 29.00
CA PRO A 37 -9.62 -0.46 28.76
C PRO A 37 -10.65 0.11 29.75
N ILE A 38 -11.88 0.28 29.29
CA ILE A 38 -12.93 0.81 30.14
C ILE A 38 -14.13 -0.13 30.17
N SER B 1 -3.10 10.44 -19.71
CA SER B 1 -1.68 10.72 -19.34
C SER B 1 -1.50 10.77 -17.83
N HIS B 2 -2.21 9.90 -17.12
CA HIS B 2 -2.12 9.84 -15.66
C HIS B 2 -1.45 8.54 -15.20
N PRO B 3 -0.15 8.60 -14.88
CA PRO B 3 0.60 7.42 -14.43
C PRO B 3 0.16 6.94 -13.06
N GLU B 4 -0.29 5.68 -12.99
CA GLU B 4 -0.74 5.10 -11.73
C GLU B 4 0.27 4.09 -11.20
N ASP B 5 1.52 4.19 -11.66
CA ASP B 5 2.57 3.29 -11.22
C ASP B 5 3.60 4.02 -10.36
N ASP B 6 3.66 5.34 -10.49
CA ASP B 6 4.60 6.15 -9.73
C ASP B 6 4.53 5.83 -8.23
N TRP B 7 3.39 6.15 -7.63
CA TRP B 7 3.17 5.91 -6.21
C TRP B 7 3.53 4.47 -5.83
N LEU B 8 3.18 3.53 -6.70
CA LEU B 8 3.45 2.12 -6.45
C LEU B 8 4.95 1.84 -6.48
N GLU B 9 5.70 2.69 -7.17
CA GLU B 9 7.14 2.54 -7.28
C GLU B 9 7.79 2.46 -5.91
N ASN B 10 7.28 3.24 -4.96
CA ASN B 10 7.82 3.26 -3.60
C ASN B 10 6.70 3.10 -2.58
N ILE B 11 5.78 2.18 -2.86
CA ILE B 11 4.66 1.92 -1.96
C ILE B 11 5.13 1.29 -0.66
N ASP B 12 4.60 1.78 0.46
CA ASP B 12 4.96 1.26 1.77
C ASP B 12 3.99 0.16 2.19
N VAL B 13 4.51 -1.04 2.39
CA VAL B 13 3.69 -2.17 2.80
C VAL B 13 3.67 -2.33 4.32
N CYS B 14 2.47 -2.50 4.86
CA CYS B 14 2.28 -2.68 6.29
C CYS B 14 3.08 -3.87 6.79
N GLU B 15 3.33 -3.93 8.09
CA GLU B 15 4.09 -5.02 8.69
C GLU B 15 3.21 -6.05 9.37
N ASN B 16 2.06 -5.60 9.89
CA ASN B 16 1.13 -6.50 10.57
C ASN B 16 0.58 -7.55 9.62
N CYS B 17 0.06 -7.11 8.48
CA CYS B 17 -0.50 -8.00 7.49
C CYS B 17 0.44 -8.17 6.29
N HIS B 18 1.54 -7.42 6.29
CA HIS B 18 2.51 -7.50 5.19
C HIS B 18 1.90 -7.06 3.86
N TYR B 19 0.74 -6.40 3.92
CA TYR B 19 0.06 -5.93 2.74
C TYR B 19 0.36 -4.46 2.47
N PRO B 20 0.16 -4.04 1.22
CA PRO B 20 0.39 -2.65 0.81
C PRO B 20 -0.59 -1.69 1.46
N ILE B 21 -0.11 -0.91 2.42
CA ILE B 21 -0.96 0.04 3.12
C ILE B 21 -1.34 1.20 2.22
N VAL B 22 -2.46 1.85 2.54
CA VAL B 22 -2.94 2.98 1.77
C VAL B 22 -3.36 4.14 2.68
N PRO B 23 -2.45 5.09 2.95
CA PRO B 23 -2.73 6.24 3.81
C PRO B 23 -4.01 6.96 3.40
N LEU B 24 -4.57 7.75 4.33
CA LEU B 24 -5.79 8.49 4.07
C LEU B 24 -5.70 9.30 2.79
N ASP B 25 -6.72 9.17 1.93
CA ASP B 25 -6.75 9.88 0.66
C ASP B 25 -8.18 10.19 0.25
N GLY B 26 -8.36 11.26 -0.51
CA GLY B 26 -9.69 11.63 -0.97
C GLY B 26 -10.31 10.59 -1.87
N LYS B 27 -11.62 10.44 -1.76
CA LYS B 27 -12.35 9.46 -2.57
C LYS B 27 -13.74 9.98 -2.93
N GLY B 28 -13.86 11.30 -3.07
CA GLY B 28 -15.14 11.89 -3.41
C GLY B 28 -15.94 12.29 -2.19
N THR B 29 -15.24 12.57 -1.09
CA THR B 29 -15.90 12.96 0.15
C THR B 29 -16.89 11.90 0.61
ZN ZN C . -1.87 -3.53 8.11
N ARG A 1 26.98 -16.00 1.62
CA ARG A 1 25.96 -15.36 2.50
C ARG A 1 26.11 -13.84 2.52
N CYS A 2 25.34 -13.16 1.68
CA CYS A 2 25.38 -11.71 1.60
C CYS A 2 23.99 -11.13 1.42
N ARG A 3 23.14 -11.28 2.43
CA ARG A 3 21.78 -10.76 2.38
C ARG A 3 21.75 -9.27 2.65
N HIS A 4 21.41 -8.48 1.64
CA HIS A 4 21.34 -7.03 1.78
C HIS A 4 20.49 -6.42 0.66
N ARG A 5 19.22 -6.20 0.95
CA ARG A 5 18.30 -5.61 -0.03
C ARG A 5 18.11 -4.12 0.23
N ARG A 6 18.30 -3.32 -0.82
CA ARG A 6 18.15 -1.88 -0.72
C ARG A 6 16.92 -1.40 -1.49
N ARG A 7 16.77 -1.90 -2.71
CA ARG A 7 15.64 -1.52 -3.55
C ARG A 7 15.58 -2.38 -4.81
N GLN A 8 14.48 -3.10 -4.97
CA GLN A 8 14.30 -3.98 -6.13
C GLN A 8 13.09 -3.54 -6.95
N ALA A 9 11.98 -3.29 -6.27
CA ALA A 9 10.76 -2.87 -6.95
C ALA A 9 10.28 -3.93 -7.94
N GLU A 10 10.58 -5.19 -7.63
CA GLU A 10 10.17 -6.30 -8.48
C GLU A 10 8.82 -6.87 -8.06
N ARG A 11 8.30 -6.40 -6.93
CA ARG A 11 7.02 -6.86 -6.42
C ARG A 11 5.85 -6.30 -7.23
N LEU A 12 6.17 -5.40 -8.16
CA LEU A 12 5.17 -4.78 -9.02
C LEU A 12 4.14 -5.79 -9.51
N SER A 13 4.61 -6.78 -10.27
CA SER A 13 3.72 -7.80 -10.81
C SER A 13 3.00 -8.56 -9.69
N GLN A 14 3.77 -9.01 -8.71
CA GLN A 14 3.20 -9.74 -7.58
C GLN A 14 2.10 -8.91 -6.94
N ILE A 15 2.45 -7.68 -6.60
CA ILE A 15 1.52 -6.75 -6.00
C ILE A 15 0.44 -6.35 -7.00
N LYS A 16 0.75 -6.54 -8.29
CA LYS A 16 -0.17 -6.21 -9.37
C LYS A 16 -1.45 -7.04 -9.24
N ARG A 17 -1.28 -8.33 -8.97
CA ARG A 17 -2.41 -9.23 -8.81
C ARG A 17 -3.07 -9.02 -7.45
N LEU A 18 -2.25 -8.80 -6.43
CA LEU A 18 -2.75 -8.57 -5.09
C LEU A 18 -3.66 -7.34 -5.04
N LEU A 19 -3.13 -6.21 -5.51
CA LEU A 19 -3.88 -4.97 -5.53
C LEU A 19 -5.13 -5.09 -6.38
N SER A 20 -4.99 -5.78 -7.51
CA SER A 20 -6.10 -5.99 -8.42
C SER A 20 -7.24 -6.72 -7.71
N GLU A 21 -6.87 -7.61 -6.80
CA GLU A 21 -7.84 -8.36 -6.03
C GLU A 21 -8.22 -7.60 -4.76
N LYS A 22 -7.70 -6.38 -4.65
CA LYS A 22 -7.97 -5.55 -3.48
C LYS A 22 -7.46 -6.19 -2.21
N LYS A 23 -6.28 -6.78 -2.29
CA LYS A 23 -5.67 -7.42 -1.13
C LYS A 23 -4.55 -6.57 -0.54
N THR A 24 -4.94 -5.43 0.01
CA THR A 24 -3.97 -4.51 0.62
C THR A 24 -4.21 -4.37 2.11
N CYS A 25 -3.30 -3.65 2.77
CA CYS A 25 -3.37 -3.42 4.20
C CYS A 25 -4.81 -3.29 4.69
N GLN A 26 -5.36 -4.42 5.12
CA GLN A 26 -6.74 -4.47 5.61
C GLN A 26 -6.77 -4.31 7.13
N CYS A 27 -5.74 -3.65 7.66
CA CYS A 27 -5.61 -3.40 9.08
C CYS A 27 -6.96 -2.99 9.70
N PRO A 28 -7.12 -3.21 11.01
CA PRO A 28 -8.36 -2.87 11.72
C PRO A 28 -8.76 -1.42 11.50
N HIS A 29 -10.06 -1.15 11.59
CA HIS A 29 -10.57 0.20 11.40
C HIS A 29 -11.85 0.42 12.22
N ARG A 30 -12.38 1.62 12.17
CA ARG A 30 -13.60 1.95 12.91
C ARG A 30 -14.57 2.75 12.04
N PHE A 31 -15.80 2.28 11.95
CA PHE A 31 -16.82 2.94 11.15
C PHE A 31 -18.00 3.38 12.02
N GLN A 32 -17.71 4.13 13.07
CA GLN A 32 -18.73 4.61 13.98
C GLN A 32 -19.42 5.84 13.41
N LYS A 33 -18.65 6.91 13.20
CA LYS A 33 -19.18 8.15 12.66
C LYS A 33 -18.08 9.19 12.49
N THR A 34 -17.57 9.31 11.26
CA THR A 34 -16.52 10.26 10.95
C THR A 34 -15.99 10.06 9.53
N CYS A 35 -15.49 11.13 8.93
CA CYS A 35 -14.96 11.06 7.57
C CYS A 35 -14.09 12.29 7.26
N SER A 36 -12.85 12.25 7.72
CA SER A 36 -11.92 13.34 7.50
C SER A 36 -12.46 14.64 8.09
N PRO A 37 -11.60 15.67 8.23
CA PRO A 37 -12.00 16.96 8.80
C PRO A 37 -13.23 17.54 8.11
N ILE A 38 -14.33 17.61 8.85
CA ILE A 38 -15.58 18.14 8.31
C ILE A 38 -16.13 19.26 9.19
N SER B 1 2.55 14.63 -18.91
CA SER B 1 1.78 13.94 -17.84
C SER B 1 2.47 12.67 -17.38
N HIS B 2 2.56 12.48 -16.08
CA HIS B 2 3.20 11.30 -15.51
C HIS B 2 2.20 10.16 -15.34
N PRO B 3 2.67 8.91 -15.32
CA PRO B 3 1.81 7.73 -15.16
C PRO B 3 1.25 7.61 -13.75
N GLU B 4 0.34 6.65 -13.55
CA GLU B 4 -0.26 6.42 -12.25
C GLU B 4 0.45 5.31 -11.49
N ASP B 5 1.71 5.07 -11.83
CA ASP B 5 2.50 4.04 -11.19
C ASP B 5 3.48 4.64 -10.17
N ASP B 6 3.46 5.96 -10.04
CA ASP B 6 4.36 6.63 -9.10
C ASP B 6 4.11 6.15 -7.67
N TRP B 7 2.88 6.34 -7.19
CA TRP B 7 2.51 5.92 -5.85
C TRP B 7 2.89 4.46 -5.58
N LEU B 8 2.71 3.62 -6.58
CA LEU B 8 3.04 2.20 -6.46
C LEU B 8 4.54 2.00 -6.32
N GLU B 9 5.32 2.87 -6.96
CA GLU B 9 6.77 2.80 -6.90
C GLU B 9 7.27 2.96 -5.48
N ASN B 10 6.70 3.93 -4.77
CA ASN B 10 7.08 4.20 -3.39
C ASN B 10 6.06 3.62 -2.41
N ILE B 11 5.42 2.53 -2.82
CA ILE B 11 4.41 1.89 -1.99
C ILE B 11 5.05 1.22 -0.77
N ASP B 12 4.40 1.34 0.38
CA ASP B 12 4.90 0.74 1.61
C ASP B 12 4.03 -0.45 2.03
N VAL B 13 4.67 -1.45 2.61
CA VAL B 13 3.96 -2.65 3.05
C VAL B 13 3.87 -2.70 4.57
N CYS B 14 2.65 -2.84 5.07
CA CYS B 14 2.41 -2.91 6.51
C CYS B 14 3.11 -4.12 7.10
N GLU B 15 3.31 -4.11 8.41
CA GLU B 15 3.98 -5.20 9.10
C GLU B 15 3.00 -6.13 9.81
N ASN B 16 1.86 -5.59 10.22
CA ASN B 16 0.85 -6.37 10.91
C ASN B 16 0.25 -7.44 9.99
N CYS B 17 -0.21 -7.01 8.82
CA CYS B 17 -0.80 -7.91 7.85
C CYS B 17 0.18 -8.24 6.72
N HIS B 18 1.33 -7.58 6.71
CA HIS B 18 2.35 -7.81 5.69
C HIS B 18 1.85 -7.44 4.30
N TYR B 19 0.74 -6.68 4.24
CA TYR B 19 0.18 -6.27 2.98
C TYR B 19 0.60 -4.85 2.63
N PRO B 20 0.50 -4.51 1.34
CA PRO B 20 0.87 -3.18 0.85
C PRO B 20 -0.06 -2.10 1.39
N ILE B 21 0.44 -1.30 2.32
CA ILE B 21 -0.33 -0.23 2.92
C ILE B 21 -0.52 0.93 1.96
N VAL B 22 -1.59 1.70 2.17
CA VAL B 22 -1.89 2.85 1.32
C VAL B 22 -2.01 4.13 2.15
N PRO B 23 -1.41 5.24 1.68
CA PRO B 23 -1.46 6.52 2.39
C PRO B 23 -2.87 7.10 2.43
N LEU B 24 -3.32 7.46 3.63
CA LEU B 24 -4.65 8.02 3.80
C LEU B 24 -4.91 9.18 2.83
N ASP B 25 -5.73 8.93 1.82
CA ASP B 25 -6.06 9.95 0.83
C ASP B 25 -4.80 10.43 0.11
N GLY B 26 -4.44 9.74 -0.97
CA GLY B 26 -3.26 10.11 -1.73
C GLY B 26 -3.53 11.26 -2.67
N LYS B 27 -2.47 11.78 -3.28
CA LYS B 27 -2.58 12.88 -4.22
C LYS B 27 -3.34 12.46 -5.47
N GLY B 28 -3.84 13.45 -6.21
CA GLY B 28 -4.58 13.15 -7.43
C GLY B 28 -4.87 14.41 -8.24
N THR B 29 -3.87 15.27 -8.38
CA THR B 29 -4.04 16.50 -9.14
C THR B 29 -5.11 17.38 -8.52
ZN ZN C . -1.84 -3.27 8.10
#